data_7VG4
#
_entry.id   7VG4
#
_cell.length_a   53.743
_cell.length_b   67.730
_cell.length_c   88.586
_cell.angle_alpha   80.140
_cell.angle_beta   79.310
_cell.angle_gamma   79.420
#
_symmetry.space_group_name_H-M   'P 1'
#
loop_
_entity.id
_entity.type
_entity.pdbx_description
1 polymer 'Methenyltetrahydrofolate cyclohydrolase'
2 water water
#
_entity_poly.entity_id   1
_entity_poly.type   'polypeptide(L)'
_entity_poly.pdbx_seq_one_letter_code
;MAGNETIETFLDGLASSAPTPGGGGAAAISGAMGAALVSMVCNLTIGKKKYVEVEADLKQVLEKSEGLRRTLTGMIADDV
EAFDAVMGAYGLPKNTDEEKAARAAKIQEALKTATDVPLACCRVCREVIDLAEIVAEKGNLNVISDAGVAVLSAYAGLRS
AALNVYVNAKGLDDRAFAEERLKELEGLLAEAGALNERIYETVKSKVNLEHHHHHH
;
_entity_poly.pdbx_strand_id   A,B,C,D,E,F
#
# COMPACT_ATOMS: atom_id res chain seq x y z
N ALA A 2 2.16 15.26 -10.37
CA ALA A 2 1.04 14.56 -11.07
C ALA A 2 1.43 14.34 -12.53
N GLY A 3 0.59 13.62 -13.29
CA GLY A 3 0.70 13.41 -14.74
C GLY A 3 0.29 14.67 -15.50
N ASN A 4 -0.05 15.72 -14.76
CA ASN A 4 -0.34 17.08 -15.24
C ASN A 4 0.98 17.86 -15.35
N GLU A 5 2.02 17.43 -14.60
CA GLU A 5 3.36 18.06 -14.53
C GLU A 5 4.21 17.72 -15.77
N THR A 6 5.19 18.57 -16.09
CA THR A 6 6.17 18.32 -17.19
C THR A 6 7.21 17.30 -16.70
N ILE A 7 7.88 16.63 -17.62
CA ILE A 7 8.88 15.58 -17.27
C ILE A 7 10.03 16.28 -16.53
N GLU A 8 10.40 17.51 -16.89
CA GLU A 8 11.46 18.25 -16.14
C GLU A 8 10.88 18.61 -14.76
N THR A 9 9.66 19.14 -14.68
CA THR A 9 9.13 19.62 -13.38
C THR A 9 9.05 18.41 -12.43
N PHE A 10 8.53 17.26 -12.88
CA PHE A 10 8.45 16.01 -12.08
C PHE A 10 9.86 15.59 -11.61
N LEU A 11 10.83 15.56 -12.51
CA LEU A 11 12.20 15.11 -12.17
C LEU A 11 12.87 16.12 -11.23
N ASP A 12 12.61 17.42 -11.39
CA ASP A 12 13.22 18.48 -10.55
C ASP A 12 12.75 18.27 -9.11
N GLY A 13 11.48 17.92 -8.92
CA GLY A 13 10.87 17.61 -7.61
C GLY A 13 11.25 16.22 -7.08
N LEU A 14 11.35 15.22 -7.96
CA LEU A 14 11.70 13.81 -7.62
C LEU A 14 13.10 13.80 -7.03
N ALA A 15 14.02 14.56 -7.62
CA ALA A 15 15.43 14.68 -7.19
C ALA A 15 15.55 15.52 -5.90
N SER A 16 14.60 16.44 -5.65
CA SER A 16 14.63 17.36 -4.48
C SER A 16 14.36 16.61 -3.16
N SER A 17 14.55 17.32 -2.05
CA SER A 17 14.27 16.91 -0.65
C SER A 17 12.80 17.18 -0.28
N ALA A 18 11.95 17.47 -1.27
CA ALA A 18 10.48 17.33 -1.16
C ALA A 18 10.17 15.86 -0.89
N PRO A 19 9.43 15.54 0.19
CA PRO A 19 8.91 14.18 0.39
C PRO A 19 8.01 13.68 -0.77
N THR A 20 7.50 14.58 -1.63
CA THR A 20 6.80 14.26 -2.92
C THR A 20 7.26 15.19 -4.05
N PRO A 21 7.48 14.68 -5.28
CA PRO A 21 7.26 13.27 -5.63
C PRO A 21 8.25 12.26 -5.01
N GLY A 22 7.96 10.97 -5.19
CA GLY A 22 8.64 9.84 -4.52
C GLY A 22 8.75 8.64 -5.42
N GLY A 23 9.17 7.51 -4.87
CA GLY A 23 9.41 6.28 -5.66
C GLY A 23 8.11 5.62 -6.07
N GLY A 24 7.05 5.84 -5.29
CA GLY A 24 5.67 5.45 -5.63
C GLY A 24 5.19 6.17 -6.88
N GLY A 25 5.44 7.49 -6.97
CA GLY A 25 5.23 8.32 -8.19
C GLY A 25 5.94 7.67 -9.36
N ALA A 26 7.26 7.46 -9.21
CA ALA A 26 8.13 6.87 -10.24
C ALA A 26 7.57 5.51 -10.67
N ALA A 27 7.16 4.66 -9.73
CA ALA A 27 6.67 3.30 -10.06
C ALA A 27 5.42 3.41 -10.94
N ALA A 28 4.53 4.34 -10.60
CA ALA A 28 3.30 4.66 -11.36
C ALA A 28 3.70 4.97 -12.81
N ILE A 29 4.67 5.88 -12.99
CA ILE A 29 5.09 6.32 -14.35
C ILE A 29 5.68 5.12 -15.08
N SER A 30 6.53 4.32 -14.42
CA SER A 30 7.19 3.14 -15.01
C SER A 30 6.14 2.19 -15.60
N GLY A 31 5.03 1.99 -14.89
CA GLY A 31 3.87 1.18 -15.32
C GLY A 31 3.15 1.76 -16.53
N ALA A 32 2.76 3.03 -16.47
CA ALA A 32 2.06 3.77 -17.55
C ALA A 32 2.82 3.63 -18.87
N MET A 33 4.14 3.77 -18.84
CA MET A 33 4.99 3.72 -20.04
C MET A 33 4.97 2.29 -20.56
N GLY A 34 4.90 1.33 -19.65
CA GLY A 34 4.66 -0.09 -20.00
C GLY A 34 3.35 -0.28 -20.74
N ALA A 35 2.24 0.20 -20.15
CA ALA A 35 0.91 0.28 -20.81
C ALA A 35 1.06 1.06 -22.13
N ALA A 36 1.61 2.29 -22.08
CA ALA A 36 1.86 3.14 -23.26
C ALA A 36 2.49 2.31 -24.39
N LEU A 37 3.59 1.58 -24.14
CA LEU A 37 4.35 0.85 -25.19
C LEU A 37 3.54 -0.35 -25.69
N VAL A 38 2.77 -1.01 -24.84
CA VAL A 38 1.92 -2.15 -25.32
C VAL A 38 0.88 -1.59 -26.30
N SER A 39 0.35 -0.41 -25.99
CA SER A 39 -0.59 0.33 -26.86
C SER A 39 0.08 0.76 -28.16
N MET A 40 1.39 0.92 -28.18
CA MET A 40 2.06 1.53 -29.35
C MET A 40 2.33 0.41 -30.34
N VAL A 41 2.78 -0.74 -29.86
CA VAL A 41 2.94 -1.95 -30.72
C VAL A 41 1.56 -2.28 -31.30
N CYS A 42 0.53 -2.31 -30.46
CA CYS A 42 -0.88 -2.58 -30.87
C CYS A 42 -1.29 -1.58 -31.96
N ASN A 43 -0.97 -0.30 -31.79
CA ASN A 43 -1.34 0.78 -32.76
C ASN A 43 -0.52 0.65 -34.05
N LEU A 44 0.68 0.08 -34.00
CA LEU A 44 1.56 -0.07 -35.18
C LEU A 44 1.49 -1.50 -35.76
N THR A 45 0.40 -2.24 -35.46
CA THR A 45 0.11 -3.61 -35.97
C THR A 45 -1.34 -3.72 -36.50
N ILE A 46 -2.27 -2.97 -35.90
CA ILE A 46 -3.67 -2.82 -36.39
C ILE A 46 -3.64 -1.99 -37.68
N GLY A 47 -4.24 -2.51 -38.77
CA GLY A 47 -4.29 -1.82 -40.07
C GLY A 47 -3.03 -2.05 -40.90
N LYS A 48 -2.17 -2.99 -40.51
CA LYS A 48 -1.17 -3.61 -41.40
C LYS A 48 -1.81 -4.87 -42.00
N LYS A 49 -2.08 -4.85 -43.32
CA LYS A 49 -2.70 -5.98 -44.04
C LYS A 49 -1.97 -7.27 -43.64
N LYS A 50 -0.64 -7.25 -43.63
CA LYS A 50 0.21 -8.41 -43.25
C LYS A 50 -0.29 -9.03 -41.92
N TYR A 51 -0.67 -8.20 -40.94
CA TYR A 51 -0.99 -8.59 -39.53
C TYR A 51 -2.50 -8.62 -39.28
N VAL A 52 -3.33 -9.03 -40.27
CA VAL A 52 -4.82 -9.16 -40.17
C VAL A 52 -5.19 -10.27 -39.17
N GLU A 53 -4.42 -11.36 -39.16
CA GLU A 53 -4.77 -12.58 -38.39
C GLU A 53 -4.78 -12.24 -36.90
N VAL A 54 -3.97 -11.28 -36.45
CA VAL A 54 -3.88 -10.91 -35.00
C VAL A 54 -4.54 -9.55 -34.75
N GLU A 55 -5.42 -9.08 -35.65
CA GLU A 55 -5.93 -7.68 -35.61
C GLU A 55 -6.97 -7.56 -34.49
N ALA A 56 -8.01 -8.39 -34.55
CA ALA A 56 -9.07 -8.48 -33.52
C ALA A 56 -8.44 -8.72 -32.15
N ASP A 57 -7.49 -9.67 -32.05
CA ASP A 57 -6.78 -10.03 -30.79
C ASP A 57 -6.09 -8.78 -30.26
N LEU A 58 -5.33 -8.06 -31.09
CA LEU A 58 -4.56 -6.86 -30.68
C LEU A 58 -5.52 -5.68 -30.41
N LYS A 59 -6.70 -5.68 -31.03
CA LYS A 59 -7.78 -4.68 -30.79
C LYS A 59 -8.24 -4.78 -29.34
N GLN A 60 -8.45 -6.02 -28.87
CA GLN A 60 -8.90 -6.31 -27.48
C GLN A 60 -7.76 -5.96 -26.52
N VAL A 61 -6.51 -6.19 -26.93
CA VAL A 61 -5.31 -5.83 -26.11
C VAL A 61 -5.20 -4.31 -26.07
N LEU A 62 -5.41 -3.62 -27.19
CA LEU A 62 -5.29 -2.15 -27.25
C LEU A 62 -6.21 -1.53 -26.19
N GLU A 63 -7.45 -2.01 -26.10
CA GLU A 63 -8.46 -1.38 -25.19
C GLU A 63 -8.02 -1.67 -23.74
N LYS A 64 -7.53 -2.88 -23.45
CA LYS A 64 -7.03 -3.21 -22.09
C LYS A 64 -5.90 -2.25 -21.71
N SER A 65 -4.79 -2.27 -22.46
CA SER A 65 -3.58 -1.43 -22.22
C SER A 65 -3.97 0.03 -21.98
N GLU A 66 -4.93 0.54 -22.76
CA GLU A 66 -5.27 1.98 -22.73
C GLU A 66 -6.03 2.30 -21.43
N GLY A 67 -6.78 1.33 -20.91
CA GLY A 67 -7.42 1.42 -19.58
C GLY A 67 -6.39 1.33 -18.47
N LEU A 68 -5.39 0.45 -18.60
CA LEU A 68 -4.30 0.28 -17.61
C LEU A 68 -3.43 1.55 -17.58
N ARG A 69 -3.19 2.17 -18.74
CA ARG A 69 -2.42 3.45 -18.84
C ARG A 69 -3.14 4.57 -18.08
N ARG A 70 -4.45 4.72 -18.32
CA ARG A 70 -5.32 5.77 -17.71
C ARG A 70 -5.33 5.57 -16.19
N THR A 71 -5.54 4.33 -15.74
CA THR A 71 -5.50 3.93 -14.30
C THR A 71 -4.14 4.33 -13.74
N LEU A 72 -3.05 3.81 -14.35
CA LEU A 72 -1.67 3.93 -13.83
C LEU A 72 -1.26 5.41 -13.77
N THR A 73 -1.72 6.23 -14.73
CA THR A 73 -1.41 7.68 -14.74
C THR A 73 -2.11 8.37 -13.57
N GLY A 74 -3.35 7.97 -13.28
CA GLY A 74 -4.09 8.46 -12.12
C GLY A 74 -3.35 8.11 -10.86
N MET A 75 -2.76 6.91 -10.82
CA MET A 75 -2.04 6.34 -9.64
C MET A 75 -0.79 7.15 -9.29
N ILE A 76 -0.23 7.94 -10.22
CA ILE A 76 0.77 9.00 -9.90
C ILE A 76 0.26 9.86 -8.73
N ALA A 77 -0.97 10.39 -8.82
CA ALA A 77 -1.56 11.33 -7.83
C ALA A 77 -2.03 10.57 -6.59
N ASP A 78 -2.48 9.34 -6.78
CA ASP A 78 -2.99 8.48 -5.69
C ASP A 78 -1.86 8.22 -4.70
N ASP A 79 -0.62 8.12 -5.18
CA ASP A 79 0.57 7.89 -4.31
C ASP A 79 0.84 9.12 -3.45
N VAL A 80 0.74 10.32 -4.03
CA VAL A 80 1.02 11.61 -3.32
C VAL A 80 -0.07 11.83 -2.27
N GLU A 81 -1.33 11.51 -2.61
CA GLU A 81 -2.50 11.76 -1.73
C GLU A 81 -2.34 10.89 -0.47
N ALA A 82 -2.17 9.57 -0.67
CA ALA A 82 -2.03 8.55 0.39
C ALA A 82 -0.82 8.83 1.27
N PHE A 83 0.33 9.24 0.72
CA PHE A 83 1.57 9.53 1.49
C PHE A 83 1.39 10.81 2.29
N ASP A 84 0.64 11.77 1.74
CA ASP A 84 0.45 13.10 2.38
C ASP A 84 -0.44 12.93 3.61
N ALA A 85 -1.27 11.87 3.63
CA ALA A 85 -2.21 11.56 4.74
C ALA A 85 -1.53 10.71 5.82
N VAL A 86 -0.45 10.00 5.48
CA VAL A 86 0.43 9.32 6.48
C VAL A 86 1.25 10.42 7.15
N MET A 87 1.93 11.27 6.39
CA MET A 87 2.66 12.44 6.95
C MET A 87 1.71 13.21 7.87
N GLY A 88 0.44 13.33 7.47
CA GLY A 88 -0.58 14.12 8.18
C GLY A 88 -0.95 13.50 9.51
N ALA A 89 -1.06 12.17 9.55
CA ALA A 89 -1.50 11.43 10.76
C ALA A 89 -0.40 11.54 11.84
N TYR A 90 0.89 11.42 11.48
CA TYR A 90 2.05 11.47 12.42
C TYR A 90 2.27 12.91 12.91
N GLY A 91 1.83 13.91 12.17
CA GLY A 91 1.92 15.34 12.53
C GLY A 91 0.98 15.72 13.67
N LEU A 92 -0.07 14.93 13.89
CA LEU A 92 -1.08 15.19 14.94
C LEU A 92 -0.39 15.36 16.30
N PRO A 93 -0.95 16.19 17.21
CA PRO A 93 -0.45 16.34 18.57
C PRO A 93 -0.57 15.11 19.49
N ASP A 97 -3.20 11.98 26.43
CA ASP A 97 -3.60 10.54 26.35
C ASP A 97 -4.76 10.36 25.36
N GLU A 98 -5.78 11.22 25.43
CA GLU A 98 -6.87 11.28 24.42
C GLU A 98 -6.27 11.76 23.09
N GLU A 99 -5.36 12.74 23.16
CA GLU A 99 -4.67 13.36 22.00
C GLU A 99 -3.80 12.32 21.29
N LYS A 100 -3.45 11.22 21.99
CA LYS A 100 -2.37 10.28 21.60
C LYS A 100 -2.94 8.95 21.07
N ALA A 101 -4.17 8.56 21.46
CA ALA A 101 -4.87 7.37 20.92
C ALA A 101 -5.66 7.76 19.67
N ALA A 102 -6.12 9.01 19.59
CA ALA A 102 -6.68 9.62 18.36
C ALA A 102 -5.65 9.49 17.24
N ARG A 103 -4.39 9.78 17.57
CA ARG A 103 -3.28 9.90 16.59
C ARG A 103 -2.83 8.50 16.11
N ALA A 104 -2.75 7.50 17.00
CA ALA A 104 -2.37 6.11 16.66
C ALA A 104 -3.48 5.42 15.85
N ALA A 105 -4.74 5.85 16.00
CA ALA A 105 -5.87 5.38 15.17
C ALA A 105 -5.74 6.00 13.77
N LYS A 106 -5.70 7.32 13.67
CA LYS A 106 -5.57 8.03 12.36
C LYS A 106 -4.39 7.43 11.58
N ILE A 107 -3.24 7.24 12.22
CA ILE A 107 -2.00 6.68 11.58
C ILE A 107 -2.28 5.29 10.97
N GLN A 108 -2.90 4.38 11.72
CA GLN A 108 -3.22 3.00 11.24
C GLN A 108 -4.21 3.08 10.08
N GLU A 109 -5.23 3.93 10.22
CA GLU A 109 -6.16 4.28 9.11
C GLU A 109 -5.31 4.64 7.88
N ALA A 110 -4.37 5.58 8.02
CA ALA A 110 -3.61 6.14 6.89
C ALA A 110 -2.70 5.08 6.27
N LEU A 111 -2.12 4.20 7.10
CA LEU A 111 -1.08 3.25 6.63
C LEU A 111 -1.74 2.08 5.89
N LYS A 112 -3.04 1.83 6.09
CA LYS A 112 -3.77 0.75 5.40
C LYS A 112 -4.01 1.16 3.94
N THR A 113 -4.32 2.44 3.72
CA THR A 113 -4.41 3.07 2.36
C THR A 113 -3.00 3.06 1.74
N ALA A 114 -1.99 3.43 2.53
CA ALA A 114 -0.59 3.59 2.09
C ALA A 114 -0.02 2.24 1.68
N THR A 115 -0.73 1.16 2.05
CA THR A 115 -0.46 -0.25 1.66
C THR A 115 -1.30 -0.61 0.42
N ASP A 116 -2.59 -0.28 0.42
CA ASP A 116 -3.55 -0.67 -0.63
C ASP A 116 -3.21 0.00 -1.97
N VAL A 117 -2.89 1.30 -1.97
CA VAL A 117 -2.52 2.10 -3.18
C VAL A 117 -1.37 1.42 -3.92
N PRO A 118 -0.15 1.24 -3.35
CA PRO A 118 0.94 0.61 -4.09
C PRO A 118 0.65 -0.85 -4.49
N LEU A 119 -0.22 -1.56 -3.75
CA LEU A 119 -0.56 -2.95 -4.12
C LEU A 119 -1.42 -2.94 -5.39
N ALA A 120 -2.26 -1.91 -5.56
CA ALA A 120 -3.12 -1.76 -6.76
C ALA A 120 -2.21 -1.51 -7.97
N CYS A 121 -1.30 -0.54 -7.83
CA CYS A 121 -0.26 -0.26 -8.84
C CYS A 121 0.48 -1.56 -9.12
N CYS A 122 0.77 -2.35 -8.07
CA CYS A 122 1.41 -3.67 -8.21
C CYS A 122 0.51 -4.55 -9.07
N ARG A 123 -0.77 -4.61 -8.73
CA ARG A 123 -1.77 -5.46 -9.43
C ARG A 123 -1.78 -5.07 -10.91
N VAL A 124 -1.81 -3.78 -11.23
CA VAL A 124 -1.97 -3.25 -12.62
C VAL A 124 -0.70 -3.55 -13.43
N CYS A 125 0.48 -3.26 -12.87
CA CYS A 125 1.81 -3.51 -13.50
C CYS A 125 1.92 -4.98 -13.88
N ARG A 126 1.53 -5.88 -12.97
CA ARG A 126 1.42 -7.33 -13.24
C ARG A 126 0.53 -7.58 -14.48
N GLU A 127 -0.54 -6.82 -14.66
CA GLU A 127 -1.44 -7.05 -15.83
C GLU A 127 -0.81 -6.49 -17.11
N VAL A 128 -0.02 -5.40 -17.03
CA VAL A 128 0.72 -4.83 -18.21
C VAL A 128 1.64 -5.93 -18.74
N ILE A 129 2.26 -6.69 -17.82
CA ILE A 129 3.28 -7.74 -18.14
C ILE A 129 2.62 -8.81 -19.02
N ASP A 130 1.35 -9.16 -18.80
CA ASP A 130 0.64 -10.23 -19.58
C ASP A 130 0.34 -9.75 -21.00
N LEU A 131 -0.13 -8.50 -21.15
CA LEU A 131 -0.37 -7.85 -22.46
C LEU A 131 0.98 -7.67 -23.18
N ALA A 132 2.05 -7.36 -22.45
CA ALA A 132 3.43 -7.23 -23.01
C ALA A 132 3.89 -8.56 -23.61
N GLU A 133 3.33 -9.68 -23.14
CA GLU A 133 3.64 -11.02 -23.71
C GLU A 133 2.91 -11.17 -25.05
N ILE A 134 1.59 -10.97 -25.05
CA ILE A 134 0.73 -11.22 -26.26
C ILE A 134 1.33 -10.43 -27.43
N VAL A 135 1.61 -9.15 -27.18
CA VAL A 135 2.20 -8.19 -28.16
C VAL A 135 3.60 -8.66 -28.60
N ALA A 136 4.43 -9.20 -27.69
CA ALA A 136 5.79 -9.69 -28.01
C ALA A 136 5.70 -10.86 -28.99
N GLU A 137 4.60 -11.61 -28.96
CA GLU A 137 4.37 -12.80 -29.83
C GLU A 137 3.71 -12.37 -31.15
N LYS A 138 2.73 -11.47 -31.09
CA LYS A 138 1.76 -11.20 -32.18
C LYS A 138 2.04 -9.84 -32.83
N GLY A 139 2.95 -9.05 -32.27
CA GLY A 139 3.18 -7.65 -32.68
C GLY A 139 4.07 -7.55 -33.89
N ASN A 140 3.94 -6.42 -34.60
CA ASN A 140 4.72 -5.99 -35.79
C ASN A 140 6.23 -5.98 -35.51
N LEU A 141 6.96 -6.74 -36.33
CA LEU A 141 8.40 -7.09 -36.21
C LEU A 141 9.30 -5.85 -36.30
N ASN A 142 8.81 -4.72 -36.82
CA ASN A 142 9.61 -3.48 -36.99
C ASN A 142 9.42 -2.54 -35.79
N VAL A 143 8.69 -2.97 -34.75
CA VAL A 143 8.57 -2.21 -33.46
C VAL A 143 8.62 -3.16 -32.26
N ILE A 144 9.08 -4.40 -32.43
CA ILE A 144 9.03 -5.46 -31.37
C ILE A 144 9.88 -5.03 -30.15
N SER A 145 10.98 -4.31 -30.36
CA SER A 145 11.79 -3.67 -29.28
C SER A 145 10.88 -3.05 -28.22
N ASP A 146 9.78 -2.46 -28.63
CA ASP A 146 8.85 -1.75 -27.72
C ASP A 146 8.11 -2.76 -26.84
N ALA A 147 7.80 -3.93 -27.37
CA ALA A 147 7.28 -5.06 -26.55
C ALA A 147 8.26 -5.27 -25.39
N GLY A 148 9.57 -5.20 -25.64
CA GLY A 148 10.64 -5.40 -24.66
C GLY A 148 10.65 -4.27 -23.65
N VAL A 149 10.82 -3.05 -24.11
CA VAL A 149 10.85 -1.86 -23.19
C VAL A 149 9.61 -1.90 -22.28
N ALA A 150 8.47 -2.33 -22.82
CA ALA A 150 7.18 -2.49 -22.09
C ALA A 150 7.39 -3.41 -20.88
N VAL A 151 7.72 -4.68 -21.13
CA VAL A 151 7.91 -5.72 -20.09
C VAL A 151 8.86 -5.16 -19.00
N LEU A 152 9.97 -4.52 -19.38
CA LEU A 152 10.93 -3.96 -18.39
C LEU A 152 10.26 -2.87 -17.55
N SER A 153 9.68 -1.83 -18.15
CA SER A 153 9.05 -0.66 -17.47
C SER A 153 7.98 -1.17 -16.50
N ALA A 154 7.23 -2.18 -16.94
CA ALA A 154 6.16 -2.83 -16.16
C ALA A 154 6.76 -3.61 -14.99
N TYR A 155 7.89 -4.27 -15.20
CA TYR A 155 8.46 -5.12 -14.12
C TYR A 155 9.13 -4.17 -13.11
N ALA A 156 9.72 -3.08 -13.58
CA ALA A 156 10.32 -2.09 -12.67
C ALA A 156 9.21 -1.55 -11.77
N GLY A 157 8.18 -0.93 -12.35
CA GLY A 157 6.95 -0.52 -11.63
C GLY A 157 6.56 -1.56 -10.58
N LEU A 158 6.33 -2.80 -10.99
CA LEU A 158 5.81 -3.86 -10.10
C LEU A 158 6.65 -3.87 -8.82
N ARG A 159 7.96 -3.99 -8.95
CA ARG A 159 8.86 -4.19 -7.79
C ARG A 159 9.14 -2.85 -7.10
N SER A 160 9.24 -1.76 -7.85
CA SER A 160 9.28 -0.40 -7.28
C SER A 160 8.10 -0.25 -6.31
N ALA A 161 6.91 -0.65 -6.74
CA ALA A 161 5.67 -0.48 -5.96
C ALA A 161 5.65 -1.50 -4.83
N ALA A 162 6.12 -2.72 -5.09
CA ALA A 162 6.32 -3.77 -4.06
C ALA A 162 6.98 -3.16 -2.81
N LEU A 163 8.08 -2.41 -2.95
CA LEU A 163 8.82 -1.83 -1.81
C LEU A 163 7.90 -0.94 -0.96
N ASN A 164 6.97 -0.18 -1.56
CA ASN A 164 6.10 0.75 -0.79
C ASN A 164 5.02 -0.03 -0.02
N VAL A 165 4.59 -1.18 -0.51
CA VAL A 165 3.74 -2.16 0.25
C VAL A 165 4.49 -2.56 1.52
N TYR A 166 5.79 -2.89 1.39
CA TYR A 166 6.60 -3.44 2.50
C TYR A 166 6.81 -2.35 3.56
N VAL A 167 7.16 -1.15 3.15
CA VAL A 167 7.39 0.02 4.05
C VAL A 167 6.16 0.26 4.92
N ASN A 168 4.96 0.21 4.33
CA ASN A 168 3.72 0.60 5.04
C ASN A 168 3.10 -0.59 5.76
N ALA A 169 3.16 -1.81 5.22
CA ALA A 169 2.70 -3.04 5.92
C ALA A 169 3.43 -3.16 7.26
N LYS A 170 4.75 -2.90 7.28
CA LYS A 170 5.67 -3.09 8.44
C LYS A 170 5.07 -2.46 9.70
N GLY A 171 4.44 -1.27 9.61
CA GLY A 171 4.00 -0.46 10.77
C GLY A 171 2.56 -0.68 11.20
N LEU A 172 1.95 -1.81 10.83
CA LEU A 172 0.50 -2.11 11.00
C LEU A 172 0.24 -3.00 12.22
N ASP A 173 -0.64 -2.58 13.13
CA ASP A 173 -1.16 -3.42 14.24
C ASP A 173 -1.83 -4.63 13.60
N ASP A 174 -2.92 -4.38 12.89
CA ASP A 174 -3.78 -5.44 12.30
C ASP A 174 -2.93 -6.33 11.40
N ARG A 175 -2.63 -7.55 11.83
CA ARG A 175 -1.65 -8.43 11.15
C ARG A 175 -2.36 -9.47 10.26
N ALA A 176 -3.69 -9.57 10.35
CA ALA A 176 -4.49 -10.43 9.44
C ALA A 176 -4.56 -9.73 8.06
N PHE A 177 -4.97 -8.46 8.08
CA PHE A 177 -4.85 -7.47 6.97
C PHE A 177 -3.42 -7.57 6.40
N ALA A 178 -2.42 -7.20 7.18
CA ALA A 178 -1.03 -7.01 6.69
C ALA A 178 -0.57 -8.28 5.95
N GLU A 179 -0.78 -9.48 6.51
CA GLU A 179 -0.25 -10.74 5.92
C GLU A 179 -1.07 -11.14 4.70
N GLU A 180 -2.35 -10.78 4.68
CA GLU A 180 -3.25 -11.00 3.51
C GLU A 180 -2.72 -10.17 2.35
N ARG A 181 -2.32 -8.92 2.60
CA ARG A 181 -1.72 -8.02 1.57
C ARG A 181 -0.36 -8.56 1.12
N LEU A 182 0.50 -8.97 2.06
CA LEU A 182 1.85 -9.51 1.70
C LEU A 182 1.71 -10.83 0.94
N LYS A 183 0.64 -11.59 1.20
CA LYS A 183 0.38 -12.86 0.47
C LYS A 183 0.04 -12.52 -0.99
N GLU A 184 -0.96 -11.65 -1.19
CA GLU A 184 -1.34 -11.08 -2.51
C GLU A 184 -0.07 -10.57 -3.19
N LEU A 185 0.64 -9.64 -2.55
CA LEU A 185 1.91 -9.05 -3.08
C LEU A 185 2.83 -10.17 -3.58
N GLU A 186 3.12 -11.16 -2.76
CA GLU A 186 4.13 -12.22 -3.08
C GLU A 186 3.54 -13.17 -4.11
N GLY A 187 2.21 -13.17 -4.29
CA GLY A 187 1.50 -13.97 -5.31
C GLY A 187 1.64 -13.38 -6.71
N LEU A 188 1.69 -12.04 -6.81
CA LEU A 188 2.00 -11.31 -8.07
C LEU A 188 3.50 -11.49 -8.34
N LEU A 189 4.34 -11.04 -7.41
CA LEU A 189 5.83 -11.09 -7.52
C LEU A 189 6.28 -12.46 -8.06
N ALA A 190 5.72 -13.54 -7.52
CA ALA A 190 6.21 -14.93 -7.74
C ALA A 190 6.44 -15.19 -9.23
N GLU A 191 5.47 -14.78 -10.06
CA GLU A 191 5.41 -15.04 -11.52
C GLU A 191 6.22 -14.00 -12.32
N ALA A 192 6.20 -12.73 -11.88
CA ALA A 192 6.63 -11.52 -12.62
C ALA A 192 8.13 -11.61 -12.98
N GLY A 193 8.93 -12.17 -12.08
CA GLY A 193 10.35 -12.47 -12.37
C GLY A 193 10.45 -13.38 -13.58
N ALA A 194 9.62 -14.42 -13.68
CA ALA A 194 9.78 -15.52 -14.65
C ALA A 194 9.35 -15.07 -16.04
N LEU A 195 8.18 -14.41 -16.12
CA LEU A 195 7.66 -13.80 -17.37
C LEU A 195 8.66 -12.77 -17.90
N ASN A 196 9.00 -11.76 -17.08
CA ASN A 196 9.78 -10.58 -17.52
C ASN A 196 10.99 -11.06 -18.31
N GLU A 197 11.64 -12.12 -17.85
CA GLU A 197 12.86 -12.70 -18.47
C GLU A 197 12.49 -13.45 -19.77
N ARG A 198 11.46 -14.29 -19.74
CA ARG A 198 11.00 -15.05 -20.93
C ARG A 198 10.63 -14.06 -22.03
N ILE A 199 9.93 -12.99 -21.69
CA ILE A 199 9.41 -11.96 -22.66
C ILE A 199 10.59 -11.19 -23.26
N TYR A 200 11.55 -10.78 -22.44
CA TYR A 200 12.72 -9.98 -22.89
C TYR A 200 13.57 -10.82 -23.83
N GLU A 201 13.86 -12.09 -23.47
CA GLU A 201 14.70 -12.99 -24.31
C GLU A 201 14.02 -13.11 -25.69
N THR A 202 12.71 -13.34 -25.68
CA THR A 202 11.83 -13.47 -26.87
C THR A 202 11.94 -12.24 -27.77
N VAL A 203 11.82 -11.04 -27.19
CA VAL A 203 11.99 -9.75 -27.93
C VAL A 203 13.47 -9.59 -28.32
N LYS A 204 14.41 -10.05 -27.48
CA LYS A 204 15.85 -9.90 -27.76
C LYS A 204 16.16 -10.70 -29.02
N SER A 205 15.54 -11.87 -29.18
CA SER A 205 15.92 -12.85 -30.23
C SER A 205 15.21 -12.50 -31.55
N LYS A 206 14.22 -11.60 -31.52
CA LYS A 206 13.44 -11.16 -32.72
C LYS A 206 14.13 -9.97 -33.39
N VAL A 207 14.73 -9.06 -32.63
CA VAL A 207 15.57 -7.95 -33.17
C VAL A 207 16.87 -8.52 -33.76
N ASN A 208 17.50 -9.51 -33.10
CA ASN A 208 18.75 -10.19 -33.56
C ASN A 208 18.39 -11.51 -34.25
N GLY B 3 11.04 16.67 -22.24
CA GLY B 3 11.70 17.73 -21.41
C GLY B 3 10.68 18.76 -20.92
N ASN B 4 10.38 19.75 -21.77
CA ASN B 4 9.29 20.76 -21.57
C ASN B 4 8.01 20.27 -22.25
N GLU B 5 7.21 19.45 -21.53
CA GLU B 5 6.17 18.54 -22.08
C GLU B 5 5.47 17.82 -20.93
N THR B 6 4.12 17.81 -20.89
CA THR B 6 3.31 17.10 -19.88
C THR B 6 3.65 15.61 -19.92
N ILE B 7 3.42 14.89 -18.82
CA ILE B 7 3.56 13.40 -18.67
C ILE B 7 2.46 12.69 -19.45
N GLU B 8 1.20 13.10 -19.23
CA GLU B 8 0.03 12.56 -19.96
C GLU B 8 0.23 12.83 -21.47
N THR B 9 0.82 13.96 -21.83
CA THR B 9 1.13 14.31 -23.24
C THR B 9 2.10 13.25 -23.76
N PHE B 10 3.23 13.06 -23.05
CA PHE B 10 4.28 12.07 -23.41
C PHE B 10 3.64 10.68 -23.52
N LEU B 11 2.75 10.30 -22.60
CA LEU B 11 2.10 8.95 -22.61
C LEU B 11 1.11 8.85 -23.77
N ASP B 12 0.38 9.93 -24.09
CA ASP B 12 -0.50 10.01 -25.28
C ASP B 12 0.32 9.69 -26.53
N GLY B 13 1.41 10.43 -26.74
CA GLY B 13 2.32 10.25 -27.90
C GLY B 13 2.98 8.90 -27.89
N LEU B 14 3.47 8.46 -26.73
CA LEU B 14 4.09 7.12 -26.50
C LEU B 14 3.10 6.01 -26.80
N ALA B 15 1.81 6.20 -26.45
CA ALA B 15 0.70 5.27 -26.76
C ALA B 15 0.36 5.28 -28.25
N SER B 16 0.39 6.44 -28.90
CA SER B 16 -0.06 6.70 -30.30
C SER B 16 0.67 5.82 -31.31
N SER B 17 0.25 5.88 -32.58
CA SER B 17 0.86 5.14 -33.73
C SER B 17 2.01 5.96 -34.36
N ALA B 18 2.36 7.11 -33.78
CA ALA B 18 3.57 7.88 -34.16
C ALA B 18 4.82 7.05 -33.89
N PRO B 19 5.79 6.99 -34.81
CA PRO B 19 6.99 6.18 -34.59
C PRO B 19 7.89 6.66 -33.43
N THR B 20 7.72 7.92 -33.00
CA THR B 20 8.27 8.51 -31.74
C THR B 20 7.14 9.24 -31.01
N PRO B 21 7.15 9.35 -29.66
CA PRO B 21 8.07 8.64 -28.76
C PRO B 21 7.87 7.12 -28.77
N GLY B 22 8.95 6.38 -28.48
CA GLY B 22 8.98 4.91 -28.44
C GLY B 22 9.83 4.42 -27.29
N GLY B 23 10.35 3.20 -27.38
CA GLY B 23 11.12 2.56 -26.31
C GLY B 23 12.35 3.36 -25.93
N GLY B 24 13.09 3.90 -26.92
CA GLY B 24 14.32 4.67 -26.68
C GLY B 24 14.12 5.82 -25.71
N GLY B 25 13.04 6.60 -25.87
CA GLY B 25 12.71 7.76 -25.02
C GLY B 25 12.29 7.31 -23.63
N ALA B 26 11.51 6.23 -23.54
CA ALA B 26 11.06 5.63 -22.27
C ALA B 26 12.30 5.23 -21.46
N ALA B 27 13.23 4.52 -22.11
CA ALA B 27 14.50 4.05 -21.49
C ALA B 27 15.16 5.23 -20.76
N ALA B 28 15.32 6.34 -21.46
CA ALA B 28 15.92 7.58 -20.94
C ALA B 28 15.14 8.07 -19.72
N ILE B 29 13.80 8.08 -19.79
CA ILE B 29 12.93 8.52 -18.65
C ILE B 29 13.18 7.55 -17.49
N SER B 30 13.11 6.22 -17.75
CA SER B 30 13.46 5.17 -16.76
C SER B 30 14.84 5.51 -16.15
N GLY B 31 15.76 6.00 -16.98
CA GLY B 31 17.10 6.42 -16.53
C GLY B 31 17.02 7.60 -15.59
N ALA B 32 16.59 8.76 -16.09
CA ALA B 32 16.53 10.06 -15.36
C ALA B 32 15.74 9.91 -14.06
N MET B 33 14.84 8.91 -13.97
CA MET B 33 14.09 8.61 -12.73
C MET B 33 15.02 7.90 -11.74
N GLY B 34 15.75 6.86 -12.18
CA GLY B 34 16.88 6.32 -11.41
C GLY B 34 17.70 7.45 -10.80
N ALA B 35 18.22 8.35 -11.65
CA ALA B 35 19.18 9.41 -11.29
C ALA B 35 18.55 10.40 -10.29
N ALA B 36 17.25 10.69 -10.43
CA ALA B 36 16.44 11.53 -9.51
C ALA B 36 16.30 10.85 -8.13
N LEU B 37 16.02 9.55 -8.09
CA LEU B 37 15.76 8.85 -6.79
C LEU B 37 17.09 8.61 -6.03
N VAL B 38 18.26 8.77 -6.65
CA VAL B 38 19.57 8.86 -5.92
C VAL B 38 19.67 10.26 -5.30
N SER B 39 19.47 11.33 -6.09
CA SER B 39 19.55 12.73 -5.61
C SER B 39 18.65 12.89 -4.39
N MET B 40 17.47 12.23 -4.42
CA MET B 40 16.46 12.27 -3.32
C MET B 40 17.11 11.73 -2.04
N VAL B 41 17.63 10.50 -2.07
CA VAL B 41 18.15 9.81 -0.86
C VAL B 41 19.36 10.61 -0.36
N CYS B 42 20.16 11.13 -1.29
CA CYS B 42 21.23 12.13 -1.03
C CYS B 42 20.64 13.37 -0.33
N ASN B 43 19.62 14.00 -0.94
CA ASN B 43 19.07 15.29 -0.46
C ASN B 43 18.35 15.12 0.89
N LEU B 44 17.91 13.92 1.23
CA LEU B 44 17.15 13.64 2.49
C LEU B 44 18.04 12.94 3.52
N THR B 45 19.32 12.73 3.19
CA THR B 45 20.33 12.12 4.12
C THR B 45 21.37 13.16 4.50
N ILE B 46 21.81 13.98 3.53
CA ILE B 46 22.71 15.14 3.74
C ILE B 46 22.09 16.06 4.79
N GLY B 47 22.92 16.76 5.56
CA GLY B 47 22.49 17.72 6.59
C GLY B 47 21.77 17.09 7.79
N LYS B 48 21.61 15.75 7.83
CA LYS B 48 20.89 15.02 8.91
C LYS B 48 21.92 14.67 10.00
N LYS B 49 21.84 15.36 11.15
CA LYS B 49 22.87 15.35 12.23
C LYS B 49 23.34 13.90 12.49
N LYS B 50 22.43 12.93 12.38
CA LYS B 50 22.71 11.49 12.61
C LYS B 50 23.52 10.88 11.46
N TYR B 51 23.82 11.64 10.41
CA TYR B 51 24.48 11.15 9.16
C TYR B 51 25.56 12.14 8.68
N VAL B 52 26.39 12.64 9.62
CA VAL B 52 27.49 13.61 9.35
C VAL B 52 28.82 12.86 9.18
N GLU B 53 28.79 11.54 9.00
CA GLU B 53 30.03 10.73 8.76
C GLU B 53 30.01 10.15 7.34
N VAL B 54 28.89 10.34 6.62
CA VAL B 54 28.68 9.96 5.18
C VAL B 54 28.38 11.22 4.36
N GLU B 55 28.06 12.35 5.03
CA GLU B 55 27.64 13.63 4.40
C GLU B 55 28.49 13.86 3.15
N ALA B 56 29.80 14.01 3.32
CA ALA B 56 30.76 14.40 2.25
C ALA B 56 30.64 13.44 1.07
N ASP B 57 30.68 12.13 1.29
CA ASP B 57 30.46 11.12 0.21
C ASP B 57 29.17 11.47 -0.53
N LEU B 58 28.06 11.58 0.22
CA LEU B 58 26.70 11.70 -0.37
C LEU B 58 26.59 13.08 -1.03
N LYS B 59 27.43 14.02 -0.61
CA LYS B 59 27.60 15.31 -1.34
C LYS B 59 28.21 15.03 -2.71
N GLN B 60 29.26 14.20 -2.78
CA GLN B 60 29.96 13.92 -4.07
C GLN B 60 28.99 13.11 -4.96
N VAL B 61 28.24 12.16 -4.37
CA VAL B 61 27.23 11.35 -5.11
C VAL B 61 26.22 12.29 -5.78
N LEU B 62 25.72 13.30 -5.04
CA LEU B 62 24.66 14.26 -5.46
C LEU B 62 25.09 15.03 -6.71
N GLU B 63 26.35 15.44 -6.78
CA GLU B 63 26.90 16.19 -7.95
C GLU B 63 26.83 15.24 -9.14
N LYS B 64 27.29 13.99 -8.98
CA LYS B 64 27.28 12.95 -10.05
C LYS B 64 25.84 12.70 -10.53
N SER B 65 24.92 12.42 -9.61
CA SER B 65 23.53 12.02 -9.93
C SER B 65 22.81 13.17 -10.64
N GLU B 66 22.97 14.42 -10.15
CA GLU B 66 22.38 15.62 -10.80
C GLU B 66 22.98 15.76 -12.20
N GLY B 67 24.30 15.65 -12.33
CA GLY B 67 24.95 15.52 -13.65
C GLY B 67 24.20 14.52 -14.51
N LEU B 68 24.01 13.29 -14.02
CA LEU B 68 23.47 12.17 -14.84
C LEU B 68 21.98 12.38 -15.14
N ARG B 69 21.25 13.13 -14.31
CA ARG B 69 19.82 13.42 -14.57
C ARG B 69 19.72 14.43 -15.72
N ARG B 70 20.38 15.57 -15.61
CA ARG B 70 20.49 16.58 -16.70
C ARG B 70 20.67 15.82 -18.02
N THR B 71 21.75 15.03 -18.13
CA THR B 71 22.16 14.30 -19.36
C THR B 71 21.03 13.37 -19.81
N LEU B 72 20.49 12.56 -18.89
CA LEU B 72 19.49 11.51 -19.21
C LEU B 72 18.18 12.14 -19.72
N THR B 73 17.82 13.32 -19.23
CA THR B 73 16.64 14.09 -19.72
C THR B 73 16.91 14.53 -21.17
N GLY B 74 18.14 14.92 -21.46
CA GLY B 74 18.57 15.24 -22.84
C GLY B 74 18.27 14.07 -23.75
N MET B 75 18.51 12.84 -23.27
CA MET B 75 18.51 11.59 -24.09
C MET B 75 17.09 11.26 -24.60
N ILE B 76 16.04 11.77 -23.94
CA ILE B 76 14.60 11.58 -24.34
C ILE B 76 14.44 12.00 -25.81
N ALA B 77 15.08 13.12 -26.19
CA ALA B 77 15.02 13.76 -27.52
C ALA B 77 16.22 13.34 -28.39
N ASP B 78 17.36 12.97 -27.81
CA ASP B 78 18.47 12.37 -28.59
C ASP B 78 17.97 11.14 -29.37
N ASP B 79 17.05 10.37 -28.77
CA ASP B 79 16.42 9.17 -29.39
C ASP B 79 15.76 9.57 -30.71
N VAL B 80 14.97 10.65 -30.67
CA VAL B 80 14.14 11.13 -31.82
C VAL B 80 15.08 11.58 -32.94
N GLU B 81 16.11 12.37 -32.62
CA GLU B 81 17.19 12.79 -33.55
C GLU B 81 17.80 11.57 -34.25
N ALA B 82 18.22 10.56 -33.47
CA ALA B 82 18.89 9.32 -33.94
C ALA B 82 17.95 8.54 -34.86
N PHE B 83 16.68 8.47 -34.48
CA PHE B 83 15.61 7.80 -35.23
C PHE B 83 15.39 8.50 -36.57
N ASP B 84 15.24 9.84 -36.55
CA ASP B 84 15.03 10.66 -37.77
C ASP B 84 16.17 10.41 -38.76
N ALA B 85 17.42 10.42 -38.28
CA ALA B 85 18.63 10.18 -39.09
C ALA B 85 18.46 8.87 -39.88
N VAL B 86 17.93 7.82 -39.27
CA VAL B 86 17.84 6.48 -39.91
C VAL B 86 16.81 6.54 -41.04
N MET B 87 15.63 7.09 -40.72
CA MET B 87 14.46 7.19 -41.63
C MET B 87 14.79 8.18 -42.73
N GLY B 88 15.46 9.30 -42.40
CA GLY B 88 15.93 10.31 -43.37
C GLY B 88 16.81 9.69 -44.43
N ALA B 89 17.74 8.81 -44.03
CA ALA B 89 18.64 8.06 -44.93
C ALA B 89 17.83 7.03 -45.74
N TYR B 90 17.05 6.20 -45.06
CA TYR B 90 16.27 5.07 -45.64
C TYR B 90 15.29 5.56 -46.73
N GLY B 91 14.84 6.82 -46.64
CA GLY B 91 13.81 7.41 -47.53
C GLY B 91 14.42 8.30 -48.59
N LEU B 92 15.67 8.03 -48.99
CA LEU B 92 16.41 8.81 -50.00
C LEU B 92 16.08 8.25 -51.38
N PRO B 93 16.13 9.09 -52.45
CA PRO B 93 16.01 8.59 -53.82
C PRO B 93 16.96 7.42 -54.13
N LYS B 94 16.55 6.53 -55.03
CA LYS B 94 17.09 5.16 -55.21
C LYS B 94 17.08 4.75 -56.69
N ASN B 95 17.13 5.72 -57.63
CA ASN B 95 16.89 5.53 -59.09
C ASN B 95 18.20 5.16 -59.81
N THR B 96 19.13 6.12 -59.89
CA THR B 96 20.48 5.95 -60.50
C THR B 96 21.33 5.15 -59.50
N ASP B 97 22.63 4.94 -59.78
CA ASP B 97 23.59 4.29 -58.85
C ASP B 97 24.29 5.37 -58.02
N GLU B 98 24.33 6.60 -58.53
CA GLU B 98 24.78 7.84 -57.81
C GLU B 98 23.87 8.14 -56.61
N GLU B 99 22.61 7.71 -56.66
CA GLU B 99 21.60 7.88 -55.58
C GLU B 99 21.58 6.63 -54.67
N LYS B 100 21.71 5.43 -55.25
CA LYS B 100 21.83 4.14 -54.51
C LYS B 100 23.04 4.22 -53.57
N ALA B 101 24.24 4.40 -54.14
CA ALA B 101 25.56 4.39 -53.44
C ALA B 101 25.60 5.40 -52.29
N ALA B 102 25.10 6.62 -52.52
CA ALA B 102 25.03 7.73 -51.53
C ALA B 102 23.93 7.48 -50.48
N ARG B 103 23.14 6.40 -50.63
CA ARG B 103 22.13 5.94 -49.65
C ARG B 103 22.76 4.85 -48.75
N ALA B 104 23.52 3.92 -49.34
CA ALA B 104 24.30 2.89 -48.61
C ALA B 104 25.12 3.59 -47.51
N ALA B 105 26.04 4.47 -47.92
CA ALA B 105 26.89 5.32 -47.05
C ALA B 105 26.08 6.01 -45.95
N LYS B 106 25.03 6.76 -46.32
CA LYS B 106 24.22 7.61 -45.40
C LYS B 106 23.42 6.74 -44.43
N ILE B 107 23.09 5.51 -44.84
CA ILE B 107 22.37 4.52 -43.98
C ILE B 107 23.37 4.00 -42.94
N GLN B 108 24.55 3.56 -43.37
CA GLN B 108 25.68 3.15 -42.50
C GLN B 108 26.02 4.26 -41.50
N GLU B 109 26.16 5.50 -41.95
CA GLU B 109 26.46 6.67 -41.08
C GLU B 109 25.34 6.80 -40.04
N ALA B 110 24.08 6.54 -40.44
CA ALA B 110 22.90 6.75 -39.59
C ALA B 110 22.78 5.63 -38.57
N LEU B 111 23.03 4.40 -38.96
CA LEU B 111 22.95 3.21 -38.06
C LEU B 111 24.05 3.26 -36.98
N LYS B 112 25.23 3.76 -37.33
CA LYS B 112 26.36 4.01 -36.37
C LYS B 112 25.92 5.03 -35.32
N THR B 113 25.26 6.11 -35.68
CA THR B 113 24.79 7.15 -34.71
C THR B 113 23.68 6.56 -33.84
N ALA B 114 22.89 5.66 -34.42
CA ALA B 114 21.71 5.05 -33.79
C ALA B 114 22.14 3.82 -32.99
N THR B 115 23.46 3.61 -32.86
CA THR B 115 24.07 2.60 -31.95
C THR B 115 24.81 3.32 -30.82
N ASP B 116 25.58 4.36 -31.16
CA ASP B 116 26.31 5.17 -30.15
C ASP B 116 25.29 5.84 -29.19
N VAL B 117 24.21 6.42 -29.71
CA VAL B 117 23.28 7.25 -28.88
C VAL B 117 22.56 6.38 -27.85
N PRO B 118 21.99 5.19 -28.20
CA PRO B 118 21.46 4.28 -27.20
C PRO B 118 22.53 3.74 -26.24
N LEU B 119 23.73 3.43 -26.74
CA LEU B 119 24.83 2.94 -25.86
C LEU B 119 25.22 4.03 -24.84
N ALA B 120 25.22 5.30 -25.24
CA ALA B 120 25.54 6.42 -24.32
C ALA B 120 24.58 6.38 -23.13
N CYS B 121 23.31 6.11 -23.40
CA CYS B 121 22.26 5.99 -22.37
C CYS B 121 22.54 4.76 -21.50
N CYS B 122 22.84 3.60 -22.11
CA CYS B 122 23.32 2.38 -21.40
C CYS B 122 24.43 2.76 -20.43
N ARG B 123 25.55 3.27 -20.94
CA ARG B 123 26.68 3.75 -20.11
C ARG B 123 26.15 4.57 -18.92
N VAL B 124 25.33 5.59 -19.16
CA VAL B 124 24.86 6.50 -18.07
C VAL B 124 23.96 5.70 -17.13
N CYS B 125 23.12 4.79 -17.64
CA CYS B 125 22.20 3.93 -16.84
C CYS B 125 23.07 3.02 -15.94
N ARG B 126 24.12 2.40 -16.49
CA ARG B 126 25.07 1.57 -15.70
C ARG B 126 25.75 2.42 -14.60
N GLU B 127 26.12 3.68 -14.86
CA GLU B 127 26.70 4.58 -13.82
C GLU B 127 25.65 4.81 -12.73
N VAL B 128 24.38 5.01 -13.11
CA VAL B 128 23.27 5.32 -12.15
C VAL B 128 23.17 4.15 -11.16
N ILE B 129 23.28 2.91 -11.64
CA ILE B 129 23.22 1.70 -10.76
C ILE B 129 24.33 1.80 -9.70
N ASP B 130 25.54 2.22 -10.08
CA ASP B 130 26.67 2.40 -9.11
C ASP B 130 26.29 3.48 -8.10
N LEU B 131 25.77 4.63 -8.54
CA LEU B 131 25.34 5.72 -7.63
C LEU B 131 24.27 5.21 -6.66
N ALA B 132 23.46 4.22 -7.02
CA ALA B 132 22.33 3.77 -6.18
C ALA B 132 22.84 2.79 -5.12
N GLU B 133 23.78 1.91 -5.49
CA GLU B 133 24.52 1.05 -4.52
C GLU B 133 24.93 1.91 -3.32
N ILE B 134 25.39 3.13 -3.58
CA ILE B 134 26.06 3.99 -2.57
C ILE B 134 25.00 4.52 -1.60
N VAL B 135 23.88 5.04 -2.11
CA VAL B 135 22.78 5.55 -1.22
C VAL B 135 22.00 4.38 -0.59
N ALA B 136 21.93 3.23 -1.27
CA ALA B 136 21.38 1.97 -0.71
C ALA B 136 22.22 1.52 0.48
N GLU B 137 23.49 1.92 0.57
CA GLU B 137 24.39 1.50 1.69
C GLU B 137 24.57 2.66 2.70
N LYS B 138 24.47 3.93 2.28
CA LYS B 138 24.72 5.10 3.17
C LYS B 138 23.45 5.92 3.47
N GLY B 139 22.32 5.62 2.80
CA GLY B 139 21.13 6.47 2.83
C GLY B 139 20.41 6.45 4.17
N ASN B 140 19.73 7.55 4.48
CA ASN B 140 18.69 7.66 5.53
C ASN B 140 17.71 6.48 5.39
N LEU B 141 17.46 5.75 6.48
CA LEU B 141 16.61 4.52 6.45
C LEU B 141 15.15 4.90 6.26
N ASN B 142 14.78 6.15 6.55
CA ASN B 142 13.40 6.70 6.37
C ASN B 142 12.94 6.57 4.90
N VAL B 143 13.88 6.62 3.95
CA VAL B 143 13.58 6.76 2.49
C VAL B 143 14.33 5.66 1.72
N ILE B 144 14.73 4.59 2.40
CA ILE B 144 15.67 3.57 1.84
C ILE B 144 15.05 2.92 0.60
N SER B 145 13.71 2.92 0.48
CA SER B 145 12.95 2.32 -0.65
C SER B 145 13.29 3.03 -1.96
N ASP B 146 13.32 4.37 -1.92
CA ASP B 146 13.67 5.22 -3.08
C ASP B 146 15.01 4.73 -3.67
N ALA B 147 16.00 4.40 -2.85
CA ALA B 147 17.27 3.79 -3.31
C ALA B 147 16.97 2.51 -4.13
N GLY B 148 15.97 1.73 -3.72
CA GLY B 148 15.53 0.48 -4.39
C GLY B 148 14.79 0.73 -5.69
N VAL B 149 13.83 1.66 -5.70
CA VAL B 149 13.14 2.15 -6.95
C VAL B 149 14.21 2.75 -7.88
N ALA B 150 15.16 3.52 -7.34
CA ALA B 150 16.27 4.14 -8.10
C ALA B 150 16.91 3.05 -8.96
N VAL B 151 17.34 1.93 -8.36
CA VAL B 151 18.18 0.94 -9.08
C VAL B 151 17.31 0.28 -10.14
N LEU B 152 16.04 0.02 -9.81
CA LEU B 152 15.11 -0.74 -10.70
C LEU B 152 14.88 0.09 -11.96
N SER B 153 14.74 1.41 -11.79
CA SER B 153 14.52 2.36 -12.91
C SER B 153 15.74 2.34 -13.83
N ALA B 154 16.93 2.67 -13.30
CA ALA B 154 18.25 2.62 -13.98
C ALA B 154 18.41 1.28 -14.75
N TYR B 155 18.14 0.16 -14.07
CA TYR B 155 18.32 -1.18 -14.65
C TYR B 155 17.35 -1.34 -15.81
N ALA B 156 16.11 -0.86 -15.67
CA ALA B 156 15.10 -0.86 -16.76
C ALA B 156 15.62 -0.01 -17.94
N GLY B 157 16.10 1.21 -17.65
CA GLY B 157 16.73 2.10 -18.64
C GLY B 157 17.78 1.35 -19.44
N LEU B 158 18.71 0.69 -18.74
CA LEU B 158 19.92 0.07 -19.36
C LEU B 158 19.48 -0.98 -20.37
N ARG B 159 18.65 -1.93 -19.92
CA ARG B 159 18.19 -3.08 -20.73
C ARG B 159 17.24 -2.60 -21.83
N SER B 160 16.40 -1.62 -21.54
CA SER B 160 15.57 -0.94 -22.56
C SER B 160 16.50 -0.42 -23.67
N ALA B 161 17.36 0.55 -23.33
CA ALA B 161 18.27 1.25 -24.26
C ALA B 161 19.06 0.21 -25.05
N ALA B 162 19.47 -0.87 -24.39
CA ALA B 162 20.33 -1.93 -24.94
C ALA B 162 19.68 -2.55 -26.18
N LEU B 163 18.36 -2.67 -26.20
CA LEU B 163 17.61 -3.25 -27.36
C LEU B 163 17.78 -2.33 -28.59
N ASN B 164 17.78 -1.01 -28.41
CA ASN B 164 18.04 -0.07 -29.53
C ASN B 164 19.49 -0.19 -29.99
N VAL B 165 20.39 -0.71 -29.17
CA VAL B 165 21.79 -1.01 -29.61
C VAL B 165 21.79 -2.26 -30.52
N TYR B 166 21.19 -3.36 -30.07
CA TYR B 166 21.12 -4.65 -30.82
C TYR B 166 20.53 -4.42 -32.22
N VAL B 167 19.45 -3.63 -32.31
CA VAL B 167 18.64 -3.38 -33.55
C VAL B 167 19.48 -2.72 -34.63
N ASN B 168 20.08 -1.55 -34.34
CA ASN B 168 20.92 -0.71 -35.24
C ASN B 168 22.33 -1.32 -35.47
N ALA B 169 22.90 -1.97 -34.44
CA ALA B 169 24.19 -2.70 -34.52
C ALA B 169 24.14 -3.76 -35.63
N LYS B 170 23.05 -4.53 -35.72
CA LYS B 170 22.95 -5.72 -36.62
C LYS B 170 22.97 -5.28 -38.10
N GLY B 171 22.57 -4.04 -38.40
CA GLY B 171 22.46 -3.49 -39.76
C GLY B 171 23.79 -3.01 -40.36
N LEU B 172 24.87 -2.98 -39.58
CA LEU B 172 26.16 -2.36 -39.97
C LEU B 172 26.95 -3.28 -40.92
N ASP B 173 27.71 -2.67 -41.83
CA ASP B 173 28.62 -3.36 -42.78
C ASP B 173 30.00 -3.52 -42.13
N ASP B 174 30.39 -2.51 -41.34
CA ASP B 174 31.67 -2.42 -40.59
C ASP B 174 31.52 -3.25 -39.33
N ARG B 175 31.75 -4.56 -39.42
CA ARG B 175 31.60 -5.50 -38.29
C ARG B 175 32.50 -5.06 -37.13
N ALA B 176 33.76 -4.70 -37.40
CA ALA B 176 34.72 -4.25 -36.37
C ALA B 176 34.01 -3.31 -35.37
N PHE B 177 33.54 -2.15 -35.84
CA PHE B 177 32.84 -1.07 -35.07
C PHE B 177 31.70 -1.63 -34.20
N ALA B 178 30.91 -2.56 -34.75
CA ALA B 178 29.78 -3.23 -34.06
C ALA B 178 30.30 -4.12 -32.91
N GLU B 179 31.31 -4.95 -33.19
CA GLU B 179 31.88 -5.88 -32.17
C GLU B 179 32.28 -5.06 -30.95
N GLU B 180 33.07 -3.99 -31.15
CA GLU B 180 33.50 -3.02 -30.10
C GLU B 180 32.30 -2.55 -29.27
N ARG B 181 31.25 -2.04 -29.94
CA ARG B 181 30.01 -1.52 -29.30
C ARG B 181 29.26 -2.64 -28.56
N LEU B 182 28.98 -3.77 -29.20
CA LEU B 182 28.28 -4.92 -28.54
C LEU B 182 29.13 -5.45 -27.37
N LYS B 183 30.46 -5.50 -27.52
CA LYS B 183 31.41 -5.90 -26.44
C LYS B 183 31.31 -4.89 -25.29
N GLU B 184 31.26 -3.59 -25.57
CA GLU B 184 31.06 -2.54 -24.54
C GLU B 184 29.71 -2.75 -23.85
N LEU B 185 28.67 -3.17 -24.58
CA LEU B 185 27.33 -3.44 -23.98
C LEU B 185 27.39 -4.75 -23.19
N GLU B 186 27.77 -5.85 -23.85
CA GLU B 186 27.90 -7.21 -23.24
C GLU B 186 28.42 -7.10 -21.79
N GLY B 187 29.40 -6.22 -21.55
CA GLY B 187 30.06 -6.02 -20.25
C GLY B 187 29.22 -5.20 -19.29
N LEU B 188 28.72 -4.05 -19.73
CA LEU B 188 27.81 -3.15 -18.95
C LEU B 188 26.69 -4.01 -18.34
N LEU B 189 26.20 -5.02 -19.07
CA LEU B 189 25.04 -5.89 -18.67
C LEU B 189 25.48 -7.02 -17.73
N ALA B 190 26.71 -7.56 -17.89
CA ALA B 190 27.24 -8.70 -17.11
C ALA B 190 27.12 -8.38 -15.62
N GLU B 191 27.67 -7.23 -15.22
CA GLU B 191 27.70 -6.71 -13.83
C GLU B 191 26.27 -6.37 -13.39
N ALA B 192 25.56 -5.52 -14.15
CA ALA B 192 24.28 -4.90 -13.78
C ALA B 192 23.27 -5.95 -13.32
N GLY B 193 23.35 -7.16 -13.88
CA GLY B 193 22.47 -8.30 -13.51
C GLY B 193 22.41 -8.51 -12.00
N ALA B 194 23.50 -9.01 -11.40
CA ALA B 194 23.57 -9.33 -9.96
C ALA B 194 23.52 -8.05 -9.12
N LEU B 195 24.08 -6.93 -9.60
CA LEU B 195 24.13 -5.64 -8.86
C LEU B 195 22.72 -5.12 -8.55
N ASN B 196 21.77 -5.26 -9.48
CA ASN B 196 20.41 -4.70 -9.33
C ASN B 196 19.70 -5.51 -8.25
N GLU B 197 19.86 -6.83 -8.25
CA GLU B 197 19.29 -7.74 -7.23
C GLU B 197 19.90 -7.39 -5.87
N ARG B 198 21.23 -7.45 -5.76
CA ARG B 198 21.94 -7.11 -4.51
C ARG B 198 21.30 -5.84 -3.93
N ILE B 199 21.24 -4.78 -4.73
CA ILE B 199 20.89 -3.42 -4.22
C ILE B 199 19.37 -3.40 -3.95
N TYR B 200 18.57 -4.07 -4.77
CA TYR B 200 17.10 -4.20 -4.54
C TYR B 200 16.88 -5.03 -3.27
N GLU B 201 17.54 -6.20 -3.14
CA GLU B 201 17.35 -7.12 -1.98
C GLU B 201 17.91 -6.49 -0.70
N THR B 202 18.97 -5.69 -0.79
CA THR B 202 19.60 -5.00 0.38
C THR B 202 18.57 -4.05 0.99
N VAL B 203 17.96 -3.25 0.12
CA VAL B 203 16.95 -2.21 0.46
C VAL B 203 15.74 -2.91 1.10
N LYS B 204 15.23 -3.97 0.46
CA LYS B 204 14.12 -4.83 0.98
C LYS B 204 14.39 -5.25 2.42
N SER B 205 15.64 -5.60 2.72
CA SER B 205 16.12 -6.05 4.05
C SER B 205 16.17 -4.86 5.03
N LYS B 206 16.65 -3.71 4.57
CA LYS B 206 16.72 -2.46 5.40
C LYS B 206 15.32 -1.90 5.66
N VAL B 207 14.32 -2.24 4.82
CA VAL B 207 12.88 -1.84 5.04
C VAL B 207 12.24 -2.78 6.09
N ASN B 208 12.76 -3.98 6.37
CA ASN B 208 12.22 -4.88 7.41
C ASN B 208 13.31 -5.79 7.99
N ASN C 4 -10.70 -28.32 7.89
CA ASN C 4 -12.00 -28.62 8.60
C ASN C 4 -11.91 -30.01 9.24
N GLU C 5 -10.75 -30.31 9.84
CA GLU C 5 -10.26 -31.68 10.18
C GLU C 5 -10.21 -31.83 11.70
N THR C 6 -10.47 -33.04 12.20
CA THR C 6 -10.32 -33.43 13.63
C THR C 6 -8.83 -33.35 14.03
N ILE C 7 -8.56 -33.03 15.30
CA ILE C 7 -7.20 -33.11 15.92
C ILE C 7 -6.67 -34.53 15.67
N GLU C 8 -7.51 -35.55 15.89
CA GLU C 8 -7.11 -36.99 15.82
C GLU C 8 -6.74 -37.31 14.36
N THR C 9 -7.63 -37.00 13.41
CA THR C 9 -7.39 -37.17 11.96
C THR C 9 -6.05 -36.53 11.60
N PHE C 10 -5.83 -35.28 12.05
CA PHE C 10 -4.63 -34.46 11.73
C PHE C 10 -3.34 -35.13 12.21
N LEU C 11 -3.40 -35.76 13.40
CA LEU C 11 -2.29 -36.50 14.06
C LEU C 11 -2.04 -37.83 13.34
N ASP C 12 -3.10 -38.53 12.93
CA ASP C 12 -3.02 -39.73 12.06
C ASP C 12 -2.29 -39.33 10.77
N GLY C 13 -2.78 -38.30 10.06
CA GLY C 13 -2.12 -37.75 8.85
C GLY C 13 -0.64 -37.40 9.07
N LEU C 14 -0.33 -36.73 10.18
CA LEU C 14 1.02 -36.18 10.48
C LEU C 14 2.02 -37.33 10.64
N ALA C 15 1.67 -38.31 11.49
CA ALA C 15 2.39 -39.57 11.76
C ALA C 15 2.49 -40.43 10.49
N SER C 16 1.48 -40.36 9.62
CA SER C 16 1.43 -41.08 8.33
C SER C 16 2.65 -40.72 7.47
N SER C 17 2.91 -41.60 6.49
CA SER C 17 3.97 -41.51 5.44
C SER C 17 3.56 -40.56 4.29
N ALA C 18 2.37 -39.95 4.37
CA ALA C 18 1.94 -38.86 3.46
C ALA C 18 2.91 -37.70 3.57
N PRO C 19 3.45 -37.19 2.43
CA PRO C 19 4.27 -35.98 2.46
C PRO C 19 3.66 -34.82 3.27
N THR C 20 2.32 -34.75 3.38
CA THR C 20 1.59 -33.78 4.23
C THR C 20 0.40 -34.47 4.90
N PRO C 21 -0.08 -33.99 6.08
CA PRO C 21 0.54 -32.86 6.80
C PRO C 21 1.93 -33.21 7.33
N GLY C 22 2.71 -32.18 7.63
CA GLY C 22 4.15 -32.30 7.96
C GLY C 22 4.55 -31.24 8.97
N GLY C 23 5.86 -31.00 9.08
CA GLY C 23 6.45 -30.08 10.07
C GLY C 23 5.87 -28.69 9.95
N GLY C 24 5.63 -28.21 8.73
CA GLY C 24 5.08 -26.87 8.46
C GLY C 24 3.67 -26.68 9.02
N GLY C 25 2.85 -27.74 9.05
CA GLY C 25 1.48 -27.70 9.58
C GLY C 25 1.47 -27.64 11.10
N ALA C 26 2.10 -28.64 11.73
CA ALA C 26 2.42 -28.65 13.17
C ALA C 26 2.97 -27.27 13.59
N ALA C 27 3.78 -26.64 12.73
CA ALA C 27 4.38 -25.32 12.99
C ALA C 27 3.29 -24.26 13.16
N ALA C 28 2.29 -24.26 12.28
CA ALA C 28 1.17 -23.29 12.34
C ALA C 28 0.30 -23.57 13.59
N ILE C 29 0.07 -24.84 13.90
CA ILE C 29 -0.80 -25.24 15.04
C ILE C 29 -0.18 -24.69 16.31
N SER C 30 1.13 -24.85 16.44
CA SER C 30 1.94 -24.36 17.59
C SER C 30 1.70 -22.85 17.76
N GLY C 31 2.03 -22.07 16.72
CA GLY C 31 1.77 -20.62 16.67
C GLY C 31 0.33 -20.31 17.04
N ALA C 32 -0.61 -20.99 16.39
CA ALA C 32 -2.07 -20.79 16.53
C ALA C 32 -2.51 -21.05 17.98
N MET C 33 -1.94 -22.08 18.62
CA MET C 33 -2.25 -22.44 20.02
C MET C 33 -1.71 -21.34 20.93
N GLY C 34 -0.55 -20.79 20.57
CA GLY C 34 0.08 -19.69 21.31
C GLY C 34 -0.74 -18.42 21.17
N ALA C 35 -1.33 -18.19 20.01
CA ALA C 35 -2.25 -17.05 19.77
C ALA C 35 -3.53 -17.29 20.58
N ALA C 36 -4.05 -18.53 20.59
CA ALA C 36 -5.25 -18.95 21.36
C ALA C 36 -5.10 -18.59 22.85
N LEU C 37 -3.95 -18.92 23.42
CA LEU C 37 -3.72 -18.86 24.89
C LEU C 37 -3.59 -17.40 25.33
N VAL C 38 -3.04 -16.54 24.47
CA VAL C 38 -2.87 -15.08 24.74
C VAL C 38 -4.27 -14.45 24.75
N SER C 39 -5.12 -14.80 23.79
CA SER C 39 -6.54 -14.38 23.76
C SER C 39 -7.25 -14.92 25.02
N MET C 40 -6.88 -16.14 25.45
CA MET C 40 -7.44 -16.75 26.68
C MET C 40 -7.09 -15.86 27.87
N VAL C 41 -5.80 -15.58 28.06
CA VAL C 41 -5.35 -14.76 29.22
C VAL C 41 -6.11 -13.43 29.18
N CYS C 42 -6.38 -12.87 27.99
CA CYS C 42 -7.02 -11.53 27.81
C CYS C 42 -8.51 -11.59 28.17
N ASN C 43 -9.20 -12.65 27.75
CA ASN C 43 -10.64 -12.88 28.01
C ASN C 43 -10.90 -13.06 29.51
N LEU C 44 -9.96 -13.68 30.24
CA LEU C 44 -10.13 -14.00 31.69
C LEU C 44 -9.48 -12.92 32.56
N THR C 45 -9.10 -11.78 31.98
CA THR C 45 -8.52 -10.59 32.67
C THR C 45 -9.44 -9.38 32.41
N ILE C 46 -9.93 -9.24 31.17
CA ILE C 46 -10.92 -8.20 30.72
C ILE C 46 -12.22 -8.39 31.51
N GLY C 47 -12.68 -7.37 32.24
CA GLY C 47 -13.91 -7.41 33.06
C GLY C 47 -13.68 -7.80 34.51
N LYS C 48 -12.45 -8.17 34.89
CA LYS C 48 -12.01 -8.26 36.32
C LYS C 48 -11.84 -6.82 36.85
N LYS C 49 -12.44 -6.53 38.00
CA LYS C 49 -12.46 -5.17 38.61
C LYS C 49 -11.04 -4.81 39.10
N LYS C 50 -10.26 -5.82 39.48
CA LYS C 50 -8.86 -5.70 39.96
C LYS C 50 -7.91 -5.34 38.80
N TYR C 51 -8.32 -5.49 37.53
CA TYR C 51 -7.44 -5.41 36.32
C TYR C 51 -7.92 -4.35 35.33
N VAL C 52 -8.72 -3.36 35.78
CA VAL C 52 -9.24 -2.24 34.93
C VAL C 52 -8.08 -1.40 34.40
N GLU C 53 -7.06 -1.19 35.24
CA GLU C 53 -5.81 -0.45 34.89
C GLU C 53 -5.41 -0.78 33.44
N VAL C 54 -5.61 -2.04 33.02
CA VAL C 54 -4.92 -2.68 31.86
C VAL C 54 -5.96 -3.28 30.88
N GLU C 55 -7.26 -3.02 31.09
CA GLU C 55 -8.36 -3.47 30.20
C GLU C 55 -8.17 -2.98 28.77
N ALA C 56 -8.08 -1.67 28.56
CA ALA C 56 -7.88 -1.09 27.21
C ALA C 56 -6.78 -1.86 26.48
N ASP C 57 -5.59 -1.94 27.10
CA ASP C 57 -4.37 -2.58 26.53
C ASP C 57 -4.60 -4.05 26.17
N LEU C 58 -5.40 -4.77 26.95
CA LEU C 58 -5.61 -6.22 26.74
C LEU C 58 -6.73 -6.44 25.73
N LYS C 59 -7.67 -5.49 25.58
CA LYS C 59 -8.70 -5.50 24.50
C LYS C 59 -7.96 -5.40 23.16
N GLN C 60 -6.86 -4.64 23.11
CA GLN C 60 -6.03 -4.44 21.89
C GLN C 60 -5.04 -5.60 21.70
N VAL C 61 -4.56 -6.26 22.75
CA VAL C 61 -3.77 -7.52 22.59
C VAL C 61 -4.73 -8.60 22.04
N LEU C 62 -5.98 -8.61 22.52
CA LEU C 62 -6.99 -9.62 22.17
C LEU C 62 -7.38 -9.45 20.70
N GLU C 63 -7.58 -8.21 20.25
CA GLU C 63 -7.88 -7.91 18.83
C GLU C 63 -6.73 -8.48 17.99
N LYS C 64 -5.49 -8.14 18.35
CA LYS C 64 -4.29 -8.49 17.56
C LYS C 64 -4.16 -10.02 17.50
N SER C 65 -4.28 -10.70 18.65
CA SER C 65 -3.95 -12.14 18.79
C SER C 65 -4.98 -12.99 18.04
N GLU C 66 -6.23 -12.51 17.97
CA GLU C 66 -7.32 -13.25 17.29
C GLU C 66 -7.02 -13.19 15.79
N GLY C 67 -6.58 -12.04 15.31
CA GLY C 67 -6.02 -11.87 13.96
C GLY C 67 -4.92 -12.89 13.72
N LEU C 68 -3.87 -12.89 14.56
CA LEU C 68 -2.72 -13.84 14.44
C LEU C 68 -3.25 -15.27 14.47
N ARG C 69 -4.19 -15.58 15.37
CA ARG C 69 -4.80 -16.93 15.44
C ARG C 69 -5.43 -17.29 14.08
N ARG C 70 -6.25 -16.38 13.52
CA ARG C 70 -6.96 -16.57 12.23
C ARG C 70 -5.91 -16.89 11.17
N THR C 71 -4.95 -15.98 11.01
CA THR C 71 -3.81 -16.03 10.06
C THR C 71 -3.19 -17.43 10.13
N LEU C 72 -2.85 -17.89 11.33
CA LEU C 72 -2.07 -19.16 11.54
C LEU C 72 -2.92 -20.40 11.18
N THR C 73 -4.20 -20.40 11.54
CA THR C 73 -5.15 -21.46 11.10
C THR C 73 -5.19 -21.51 9.56
N GLY C 74 -5.04 -20.36 8.91
CA GLY C 74 -4.86 -20.25 7.45
C GLY C 74 -3.58 -20.93 6.99
N MET C 75 -2.47 -20.68 7.69
CA MET C 75 -1.12 -21.19 7.32
C MET C 75 -1.05 -22.73 7.45
N ILE C 76 -1.96 -23.38 8.18
CA ILE C 76 -2.01 -24.87 8.20
C ILE C 76 -2.20 -25.36 6.76
N ALA C 77 -3.04 -24.68 5.98
CA ALA C 77 -3.37 -25.01 4.58
C ALA C 77 -2.28 -24.50 3.63
N ASP C 78 -1.72 -23.32 3.92
CA ASP C 78 -0.75 -22.63 3.01
C ASP C 78 0.49 -23.51 2.89
N ASP C 79 0.81 -24.27 3.94
CA ASP C 79 1.93 -25.24 3.91
C ASP C 79 1.64 -26.31 2.87
N VAL C 80 0.40 -26.79 2.77
CA VAL C 80 0.08 -27.93 1.85
C VAL C 80 0.09 -27.38 0.40
N GLU C 81 -0.53 -26.23 0.17
CA GLU C 81 -0.53 -25.55 -1.16
C GLU C 81 0.91 -25.34 -1.66
N ALA C 82 1.78 -24.76 -0.82
CA ALA C 82 3.18 -24.38 -1.13
C ALA C 82 4.07 -25.62 -1.33
N PHE C 83 3.79 -26.71 -0.64
CA PHE C 83 4.45 -28.02 -0.87
C PHE C 83 4.03 -28.58 -2.23
N ASP C 84 2.71 -28.70 -2.45
CA ASP C 84 2.08 -29.35 -3.63
C ASP C 84 2.58 -28.68 -4.93
N ALA C 85 2.61 -27.35 -4.95
CA ALA C 85 3.03 -26.49 -6.08
C ALA C 85 4.51 -26.75 -6.40
N VAL C 86 5.31 -27.07 -5.38
CA VAL C 86 6.74 -27.43 -5.59
C VAL C 86 6.79 -28.81 -6.24
N MET C 87 6.19 -29.84 -5.63
CA MET C 87 6.04 -31.19 -6.24
C MET C 87 5.51 -31.06 -7.67
N GLY C 88 4.52 -30.18 -7.89
CA GLY C 88 3.99 -29.80 -9.20
C GLY C 88 5.10 -29.47 -10.18
N ALA C 89 6.01 -28.57 -9.81
CA ALA C 89 7.13 -28.14 -10.69
C ALA C 89 7.98 -29.35 -11.10
N TYR C 90 8.42 -30.18 -10.14
CA TYR C 90 9.31 -31.35 -10.39
C TYR C 90 8.56 -32.48 -11.13
N GLY C 91 7.28 -32.28 -11.46
CA GLY C 91 6.48 -33.22 -12.27
C GLY C 91 6.20 -32.64 -13.63
N LEU C 92 7.20 -32.04 -14.27
CA LEU C 92 7.08 -31.46 -15.63
C LEU C 92 8.03 -32.21 -16.55
N PRO C 93 7.61 -32.54 -17.79
CA PRO C 93 8.43 -33.36 -18.69
C PRO C 93 9.80 -32.71 -18.95
N LYS C 94 10.82 -33.55 -19.12
CA LYS C 94 12.25 -33.15 -19.27
C LYS C 94 12.77 -33.76 -20.59
N ASN C 95 12.04 -33.58 -21.70
CA ASN C 95 12.22 -34.33 -22.97
C ASN C 95 12.87 -33.45 -24.05
N THR C 96 12.46 -32.20 -24.17
CA THR C 96 12.99 -31.22 -25.16
C THR C 96 13.98 -30.29 -24.46
N ASP C 97 14.21 -29.10 -25.04
CA ASP C 97 15.02 -27.99 -24.46
C ASP C 97 14.08 -27.01 -23.73
N GLU C 98 12.97 -26.66 -24.39
CA GLU C 98 11.99 -25.64 -23.94
C GLU C 98 11.11 -26.17 -22.79
N GLU C 99 11.20 -27.46 -22.45
CA GLU C 99 10.42 -28.10 -21.36
C GLU C 99 11.26 -28.18 -20.07
N LYS C 100 12.59 -28.24 -20.20
CA LYS C 100 13.55 -28.17 -19.07
C LYS C 100 13.67 -26.71 -18.60
N ALA C 101 14.02 -25.80 -19.52
CA ALA C 101 14.13 -24.34 -19.29
C ALA C 101 12.82 -23.78 -18.71
N ALA C 102 11.65 -24.27 -19.16
CA ALA C 102 10.34 -23.84 -18.64
C ALA C 102 10.04 -24.55 -17.32
N ARG C 103 10.54 -25.78 -17.12
CA ARG C 103 10.43 -26.53 -15.83
C ARG C 103 11.34 -25.83 -14.80
N ALA C 104 12.63 -25.65 -15.10
CA ALA C 104 13.64 -25.03 -14.21
C ALA C 104 13.14 -23.69 -13.63
N ALA C 105 12.52 -22.83 -14.44
CA ALA C 105 12.04 -21.47 -14.05
C ALA C 105 10.77 -21.57 -13.20
N LYS C 106 9.98 -22.65 -13.36
CA LYS C 106 8.72 -22.90 -12.59
C LYS C 106 9.06 -23.62 -11.28
N ILE C 107 10.25 -24.22 -11.16
CA ILE C 107 10.74 -24.84 -9.88
C ILE C 107 11.22 -23.71 -8.96
N GLN C 108 12.00 -22.76 -9.48
CA GLN C 108 12.49 -21.61 -8.68
C GLN C 108 11.29 -20.80 -8.18
N GLU C 109 10.26 -20.66 -9.03
CA GLU C 109 9.01 -19.92 -8.72
C GLU C 109 8.29 -20.60 -7.54
N ALA C 110 8.23 -21.94 -7.52
CA ALA C 110 7.67 -22.74 -6.40
C ALA C 110 8.49 -22.51 -5.13
N LEU C 111 9.80 -22.76 -5.19
CA LEU C 111 10.76 -22.68 -4.05
C LEU C 111 10.81 -21.27 -3.45
N LYS C 112 10.74 -20.22 -4.29
CA LYS C 112 10.57 -18.81 -3.85
C LYS C 112 9.38 -18.73 -2.89
N THR C 113 8.23 -19.29 -3.28
CA THR C 113 6.99 -19.30 -2.47
C THR C 113 7.18 -20.25 -1.26
N ALA C 114 7.78 -21.43 -1.46
CA ALA C 114 8.11 -22.41 -0.39
C ALA C 114 9.02 -21.77 0.67
N THR C 115 9.72 -20.68 0.32
CA THR C 115 10.61 -19.88 1.20
C THR C 115 9.80 -18.75 1.87
N ASP C 116 8.89 -18.10 1.12
CA ASP C 116 8.12 -16.93 1.60
C ASP C 116 7.02 -17.37 2.56
N VAL C 117 6.50 -18.59 2.40
CA VAL C 117 5.32 -19.09 3.17
C VAL C 117 5.75 -19.35 4.61
N PRO C 118 6.73 -20.24 4.87
CA PRO C 118 7.16 -20.50 6.25
C PRO C 118 7.83 -19.29 6.91
N LEU C 119 8.32 -18.32 6.14
CA LEU C 119 8.78 -17.01 6.69
C LEU C 119 7.56 -16.18 7.20
N ALA C 120 6.45 -16.18 6.47
CA ALA C 120 5.19 -15.53 6.91
C ALA C 120 4.87 -16.09 8.29
N CYS C 121 4.79 -17.43 8.43
CA CYS C 121 4.52 -18.13 9.71
C CYS C 121 5.53 -17.67 10.77
N CYS C 122 6.81 -17.61 10.41
CA CYS C 122 7.89 -17.14 11.33
C CYS C 122 7.48 -15.76 11.86
N ARG C 123 7.17 -14.85 10.94
CA ARG C 123 6.84 -13.44 11.23
C ARG C 123 5.67 -13.38 12.21
N VAL C 124 4.65 -14.23 12.02
CA VAL C 124 3.42 -14.25 12.85
C VAL C 124 3.78 -14.83 14.22
N CYS C 125 4.50 -15.95 14.29
CA CYS C 125 4.88 -16.64 15.57
C CYS C 125 5.75 -15.72 16.43
N ARG C 126 6.56 -14.86 15.81
CA ARG C 126 7.42 -13.89 16.54
C ARG C 126 6.55 -12.80 17.19
N GLU C 127 5.46 -12.42 16.54
CA GLU C 127 4.46 -11.45 17.06
C GLU C 127 3.78 -11.99 18.33
N VAL C 128 3.33 -13.24 18.30
CA VAL C 128 2.61 -13.92 19.42
C VAL C 128 3.47 -13.84 20.67
N ILE C 129 4.78 -14.02 20.52
CA ILE C 129 5.82 -13.98 21.59
C ILE C 129 5.84 -12.58 22.24
N ASP C 130 5.64 -11.53 21.44
CA ASP C 130 5.53 -10.12 21.91
C ASP C 130 4.23 -9.91 22.69
N LEU C 131 3.15 -10.55 22.28
CA LEU C 131 1.85 -10.48 23.01
C LEU C 131 1.92 -11.36 24.27
N ALA C 132 2.68 -12.46 24.24
CA ALA C 132 2.82 -13.36 25.41
C ALA C 132 3.52 -12.56 26.50
N GLU C 133 4.46 -11.71 26.14
CA GLU C 133 5.28 -10.91 27.10
C GLU C 133 4.35 -9.98 27.89
N ILE C 134 3.35 -9.43 27.22
CA ILE C 134 2.39 -8.43 27.75
C ILE C 134 1.46 -9.10 28.76
N VAL C 135 0.86 -10.23 28.40
CA VAL C 135 -0.09 -10.93 29.29
C VAL C 135 0.69 -11.65 30.41
N ALA C 136 1.96 -11.97 30.17
CA ALA C 136 2.81 -12.68 31.17
C ALA C 136 3.14 -11.72 32.33
N GLU C 137 3.12 -10.40 32.11
CA GLU C 137 3.28 -9.39 33.20
C GLU C 137 1.97 -8.67 33.57
N LYS C 138 0.90 -8.72 32.76
CA LYS C 138 -0.35 -7.96 33.03
C LYS C 138 -1.60 -8.85 33.05
N GLY C 139 -1.50 -10.12 32.64
CA GLY C 139 -2.61 -11.09 32.62
C GLY C 139 -2.97 -11.56 34.02
N ASN C 140 -4.25 -11.84 34.28
CA ASN C 140 -4.76 -12.16 35.64
C ASN C 140 -3.97 -13.35 36.20
N LEU C 141 -3.55 -13.24 37.47
CA LEU C 141 -2.61 -14.17 38.12
C LEU C 141 -3.21 -15.58 38.23
N ASN C 142 -4.53 -15.71 38.32
CA ASN C 142 -5.20 -17.03 38.49
C ASN C 142 -5.09 -17.87 37.22
N VAL C 143 -4.47 -17.34 36.17
CA VAL C 143 -4.48 -17.99 34.83
C VAL C 143 -3.09 -17.79 34.17
N ILE C 144 -2.15 -17.18 34.90
CA ILE C 144 -0.82 -16.76 34.34
C ILE C 144 -0.03 -17.95 33.76
N SER C 145 -0.30 -19.22 34.11
CA SER C 145 0.45 -20.38 33.53
C SER C 145 0.35 -20.37 31.99
N ASP C 146 -0.82 -20.00 31.47
CA ASP C 146 -1.19 -20.02 30.03
C ASP C 146 -0.38 -18.96 29.25
N ALA C 147 -0.04 -17.82 29.87
CA ALA C 147 0.96 -16.86 29.35
C ALA C 147 2.27 -17.61 29.02
N GLY C 148 2.69 -18.51 29.91
CA GLY C 148 3.88 -19.36 29.74
C GLY C 148 3.70 -20.41 28.66
N VAL C 149 2.52 -21.00 28.54
CA VAL C 149 2.28 -22.06 27.50
C VAL C 149 2.28 -21.33 26.15
N ALA C 150 1.56 -20.21 26.08
CA ALA C 150 1.52 -19.32 24.88
C ALA C 150 2.92 -19.27 24.26
N VAL C 151 3.89 -18.73 25.02
CA VAL C 151 5.26 -18.40 24.55
C VAL C 151 5.96 -19.68 24.07
N LEU C 152 5.88 -20.79 24.81
CA LEU C 152 6.65 -22.02 24.46
C LEU C 152 6.13 -22.53 23.10
N SER C 153 4.81 -22.42 22.86
CA SER C 153 4.11 -22.93 21.64
C SER C 153 4.49 -22.04 20.45
N ALA C 154 4.50 -20.72 20.66
CA ALA C 154 4.87 -19.68 19.66
C ALA C 154 6.36 -19.77 19.32
N TYR C 155 7.22 -19.95 20.30
CA TYR C 155 8.68 -20.12 20.05
C TYR C 155 8.96 -21.45 19.30
N ALA C 156 8.34 -22.57 19.65
CA ALA C 156 8.39 -23.80 18.84
C ALA C 156 7.96 -23.48 17.40
N GLY C 157 6.88 -22.71 17.25
CA GLY C 157 6.31 -22.35 15.93
C GLY C 157 7.32 -21.62 15.07
N LEU C 158 7.94 -20.57 15.62
CA LEU C 158 9.00 -19.77 14.94
C LEU C 158 10.12 -20.70 14.49
N ARG C 159 10.64 -21.52 15.40
CA ARG C 159 11.82 -22.38 15.11
C ARG C 159 11.41 -23.52 14.16
N SER C 160 10.18 -24.01 14.26
CA SER C 160 9.72 -25.15 13.43
C SER C 160 9.64 -24.66 11.98
N ALA C 161 8.99 -23.52 11.79
CA ALA C 161 8.86 -22.77 10.53
C ALA C 161 10.25 -22.45 9.95
N ALA C 162 11.13 -21.88 10.77
CA ALA C 162 12.52 -21.49 10.42
C ALA C 162 13.21 -22.59 9.61
N LEU C 163 13.14 -23.85 10.04
CA LEU C 163 13.78 -25.05 9.38
C LEU C 163 13.33 -25.14 7.91
N ASN C 164 12.05 -24.88 7.64
CA ASN C 164 11.47 -24.85 6.27
C ASN C 164 12.02 -23.66 5.47
N VAL C 165 12.29 -22.53 6.12
CA VAL C 165 12.93 -21.39 5.41
C VAL C 165 14.31 -21.89 4.95
N TYR C 166 15.02 -22.61 5.80
CA TYR C 166 16.42 -23.03 5.56
C TYR C 166 16.45 -24.02 4.41
N VAL C 167 15.58 -25.04 4.48
CA VAL C 167 15.53 -26.18 3.52
C VAL C 167 15.28 -25.69 2.08
N ASN C 168 14.34 -24.75 1.90
CA ASN C 168 13.88 -24.29 0.56
C ASN C 168 14.75 -23.12 0.07
N ALA C 169 15.25 -22.27 0.96
CA ALA C 169 16.16 -21.14 0.60
C ALA C 169 17.40 -21.71 -0.10
N LYS C 170 17.88 -22.84 0.38
CA LYS C 170 19.10 -23.54 -0.09
C LYS C 170 18.90 -23.99 -1.55
N GLY C 171 17.67 -24.32 -1.97
CA GLY C 171 17.36 -24.78 -3.34
C GLY C 171 17.34 -23.68 -4.39
N LEU C 172 17.60 -22.41 -4.02
CA LEU C 172 17.38 -21.20 -4.87
C LEU C 172 18.62 -20.88 -5.71
N ASP C 173 18.41 -20.38 -6.92
CA ASP C 173 19.48 -19.89 -7.84
C ASP C 173 19.79 -18.45 -7.43
N ASP C 174 18.79 -17.57 -7.48
CA ASP C 174 18.92 -16.15 -7.02
C ASP C 174 19.37 -16.18 -5.54
N ARG C 175 20.64 -15.87 -5.30
CA ARG C 175 21.24 -15.92 -3.94
C ARG C 175 20.93 -14.61 -3.21
N ALA C 176 20.90 -13.48 -3.92
CA ALA C 176 20.57 -12.14 -3.36
C ALA C 176 19.25 -12.25 -2.58
N PHE C 177 18.24 -12.86 -3.22
CA PHE C 177 16.89 -13.13 -2.68
C PHE C 177 17.00 -14.05 -1.48
N ALA C 178 17.54 -15.26 -1.68
CA ALA C 178 17.77 -16.30 -0.65
C ALA C 178 18.44 -15.64 0.57
N GLU C 179 19.47 -14.81 0.37
CA GLU C 179 20.21 -14.19 1.50
C GLU C 179 19.33 -13.13 2.18
N GLU C 180 18.48 -12.44 1.42
CA GLU C 180 17.59 -11.38 1.97
C GLU C 180 16.59 -12.05 2.91
N ARG C 181 15.98 -13.16 2.45
CA ARG C 181 15.01 -13.96 3.22
C ARG C 181 15.67 -14.52 4.49
N LEU C 182 16.93 -14.97 4.43
CA LEU C 182 17.65 -15.55 5.59
C LEU C 182 17.99 -14.44 6.58
N LYS C 183 18.35 -13.26 6.08
CA LYS C 183 18.71 -12.07 6.90
C LYS C 183 17.48 -11.66 7.72
N GLU C 184 16.29 -11.69 7.10
CA GLU C 184 15.01 -11.38 7.76
C GLU C 184 14.73 -12.41 8.86
N LEU C 185 14.92 -13.69 8.54
CA LEU C 185 14.70 -14.81 9.49
C LEU C 185 15.63 -14.66 10.69
N GLU C 186 16.91 -14.38 10.43
CA GLU C 186 17.91 -14.14 11.53
C GLU C 186 17.50 -12.88 12.30
N GLY C 187 16.83 -11.91 11.67
CA GLY C 187 16.29 -10.72 12.36
C GLY C 187 15.21 -11.11 13.36
N LEU C 188 14.40 -12.10 12.98
CA LEU C 188 13.27 -12.62 13.79
C LEU C 188 13.79 -13.55 14.91
N LEU C 189 14.87 -14.30 14.68
CA LEU C 189 15.37 -15.30 15.66
C LEU C 189 16.28 -14.60 16.66
N ALA C 190 17.07 -13.64 16.17
CA ALA C 190 18.05 -12.84 16.92
C ALA C 190 17.76 -12.93 18.43
N GLU C 191 16.66 -12.33 18.91
CA GLU C 191 16.44 -12.11 20.36
C GLU C 191 15.20 -12.84 20.86
N ALA C 192 14.81 -13.95 20.22
CA ALA C 192 13.52 -14.67 20.43
C ALA C 192 13.64 -15.74 21.55
N GLY C 193 14.76 -16.50 21.58
CA GLY C 193 15.10 -17.44 22.65
C GLY C 193 15.22 -16.74 24.00
N ALA C 194 15.95 -15.62 24.07
CA ALA C 194 16.15 -14.80 25.28
C ALA C 194 14.80 -14.24 25.76
N LEU C 195 13.96 -13.75 24.84
CA LEU C 195 12.54 -13.39 25.11
C LEU C 195 11.79 -14.60 25.68
N ASN C 196 11.82 -15.73 24.95
CA ASN C 196 11.17 -17.00 25.35
C ASN C 196 11.59 -17.32 26.78
N GLU C 197 12.88 -17.18 27.11
CA GLU C 197 13.40 -17.61 28.43
C GLU C 197 12.95 -16.63 29.53
N ARG C 198 13.12 -15.32 29.30
CA ARG C 198 12.70 -14.25 30.23
C ARG C 198 11.23 -14.48 30.60
N ILE C 199 10.41 -14.78 29.60
CA ILE C 199 8.92 -14.86 29.73
C ILE C 199 8.56 -16.17 30.43
N TYR C 200 9.11 -17.29 29.97
CA TYR C 200 8.95 -18.61 30.65
C TYR C 200 9.39 -18.51 32.12
N GLU C 201 10.39 -17.69 32.46
CA GLU C 201 10.89 -17.55 33.86
C GLU C 201 9.94 -16.64 34.67
N THR C 202 9.58 -15.47 34.15
CA THR C 202 8.57 -14.58 34.77
C THR C 202 7.33 -15.40 35.18
N VAL C 203 6.77 -16.15 34.23
CA VAL C 203 5.56 -17.01 34.44
C VAL C 203 5.91 -18.06 35.50
N LYS C 204 7.10 -18.67 35.40
CA LYS C 204 7.53 -19.74 36.34
C LYS C 204 7.54 -19.17 37.76
N SER C 205 8.21 -18.04 37.99
CA SER C 205 8.34 -17.46 39.35
C SER C 205 6.95 -17.07 39.88
N LYS C 206 6.06 -16.59 39.00
CA LYS C 206 4.69 -16.15 39.37
C LYS C 206 3.84 -17.38 39.72
N VAL C 207 4.00 -18.49 39.00
CA VAL C 207 3.32 -19.79 39.28
C VAL C 207 3.75 -20.35 40.66
N ASN C 208 4.96 -19.99 41.17
CA ASN C 208 5.59 -20.52 42.40
C ASN C 208 5.54 -19.47 43.53
N GLU D 5 -13.20 -33.57 18.02
CA GLU D 5 -13.27 -32.06 17.95
C GLU D 5 -12.40 -31.53 16.81
N THR D 6 -12.95 -30.66 15.96
CA THR D 6 -12.25 -29.90 14.89
C THR D 6 -11.03 -29.17 15.49
N ILE D 7 -9.99 -28.94 14.69
CA ILE D 7 -8.80 -28.11 15.05
C ILE D 7 -9.27 -26.67 15.29
N GLU D 8 -9.98 -26.12 14.29
CA GLU D 8 -10.62 -24.78 14.28
C GLU D 8 -11.52 -24.65 15.52
N THR D 9 -12.12 -25.73 16.01
CA THR D 9 -13.02 -25.69 17.19
C THR D 9 -12.20 -25.64 18.48
N PHE D 10 -11.23 -26.55 18.61
CA PHE D 10 -10.32 -26.63 19.77
C PHE D 10 -9.73 -25.24 20.00
N LEU D 11 -9.33 -24.58 18.90
CA LEU D 11 -8.64 -23.27 18.92
C LEU D 11 -9.63 -22.18 19.36
N ASP D 12 -10.85 -22.21 18.86
CA ASP D 12 -11.93 -21.28 19.30
C ASP D 12 -12.14 -21.46 20.82
N GLY D 13 -12.21 -22.72 21.29
CA GLY D 13 -12.45 -23.08 22.70
C GLY D 13 -11.32 -22.60 23.60
N LEU D 14 -10.07 -22.90 23.21
CA LEU D 14 -8.82 -22.58 23.95
C LEU D 14 -8.64 -21.06 24.01
N ALA D 15 -9.11 -20.32 23.00
CA ALA D 15 -8.99 -18.84 22.90
C ALA D 15 -10.07 -18.17 23.73
N SER D 16 -11.13 -18.89 24.07
CA SER D 16 -12.35 -18.34 24.74
C SER D 16 -12.14 -18.12 26.25
N SER D 17 -13.20 -17.69 26.93
CA SER D 17 -13.28 -17.45 28.39
C SER D 17 -13.53 -18.77 29.14
N ALA D 18 -13.76 -19.87 28.43
CA ALA D 18 -14.00 -21.23 28.99
C ALA D 18 -12.79 -21.73 29.79
N PRO D 19 -13.00 -22.40 30.94
CA PRO D 19 -11.90 -22.95 31.74
C PRO D 19 -11.02 -23.96 31.01
N THR D 20 -11.63 -24.99 30.43
CA THR D 20 -11.01 -25.88 29.41
C THR D 20 -11.47 -25.42 28.04
N PRO D 21 -10.76 -25.79 26.95
CA PRO D 21 -9.37 -26.21 27.02
C PRO D 21 -8.51 -25.03 27.53
N GLY D 22 -7.27 -25.35 27.93
CA GLY D 22 -6.28 -24.41 28.51
C GLY D 22 -4.87 -24.87 28.21
N GLY D 23 -3.90 -24.24 28.87
CA GLY D 23 -2.47 -24.61 28.76
C GLY D 23 -2.23 -26.12 28.79
N GLY D 24 -3.02 -26.87 29.58
CA GLY D 24 -2.86 -28.31 29.74
C GLY D 24 -3.07 -29.09 28.44
N GLY D 25 -4.14 -28.80 27.69
CA GLY D 25 -4.49 -29.52 26.46
C GLY D 25 -3.56 -29.14 25.32
N ALA D 26 -3.21 -27.85 25.26
CA ALA D 26 -2.21 -27.27 24.34
C ALA D 26 -0.88 -28.01 24.51
N ALA D 27 -0.52 -28.43 25.72
CA ALA D 27 0.77 -29.10 26.05
C ALA D 27 0.72 -30.59 25.66
N ALA D 28 -0.42 -31.24 25.83
CA ALA D 28 -0.61 -32.63 25.37
C ALA D 28 -0.50 -32.63 23.85
N ILE D 29 -1.06 -31.60 23.20
CA ILE D 29 -1.10 -31.44 21.72
C ILE D 29 0.33 -31.20 21.20
N SER D 30 1.05 -30.22 21.72
CA SER D 30 2.44 -30.00 21.28
C SER D 30 3.20 -31.32 21.49
N GLY D 31 3.04 -31.95 22.65
CA GLY D 31 3.57 -33.29 22.94
C GLY D 31 3.23 -34.27 21.83
N ALA D 32 1.95 -34.40 21.50
CA ALA D 32 1.39 -35.40 20.55
C ALA D 32 1.96 -35.19 19.14
N MET D 33 1.94 -33.96 18.62
CA MET D 33 2.57 -33.60 17.31
C MET D 33 4.05 -34.04 17.30
N GLY D 34 4.81 -33.66 18.33
CA GLY D 34 6.17 -34.19 18.57
C GLY D 34 6.27 -35.68 18.23
N ALA D 35 5.61 -36.55 19.00
CA ALA D 35 5.65 -38.02 18.84
C ALA D 35 5.22 -38.42 17.41
N ALA D 36 4.27 -37.67 16.84
CA ALA D 36 3.69 -37.90 15.50
C ALA D 36 4.78 -37.75 14.44
N LEU D 37 5.64 -36.74 14.60
CA LEU D 37 6.68 -36.36 13.59
C LEU D 37 7.89 -37.29 13.73
N VAL D 38 8.01 -37.99 14.87
CA VAL D 38 9.03 -39.06 15.08
C VAL D 38 8.58 -40.30 14.31
N SER D 39 7.31 -40.65 14.45
CA SER D 39 6.63 -41.63 13.58
C SER D 39 6.90 -41.25 12.13
N MET D 40 6.58 -40.02 11.72
CA MET D 40 6.62 -39.61 10.29
C MET D 40 8.02 -39.93 9.74
N VAL D 41 9.07 -39.48 10.42
CA VAL D 41 10.47 -39.68 9.96
C VAL D 41 10.71 -41.18 9.77
N CYS D 42 10.36 -41.99 10.78
CA CYS D 42 10.56 -43.47 10.79
C CYS D 42 9.85 -44.10 9.60
N ASN D 43 8.62 -43.66 9.32
CA ASN D 43 7.80 -44.19 8.21
C ASN D 43 8.50 -43.89 6.87
N LEU D 44 9.27 -42.79 6.81
CA LEU D 44 9.92 -42.30 5.56
C LEU D 44 11.44 -42.63 5.54
N THR D 45 11.94 -43.46 6.47
CA THR D 45 13.34 -43.97 6.50
C THR D 45 13.32 -45.50 6.39
N ILE D 46 12.52 -46.16 7.25
CA ILE D 46 12.21 -47.63 7.15
C ILE D 46 11.88 -47.92 5.69
N GLY D 47 12.42 -49.01 5.13
CA GLY D 47 12.10 -49.47 3.77
C GLY D 47 13.00 -48.88 2.70
N LYS D 48 13.52 -47.65 2.89
CA LYS D 48 14.58 -47.05 2.03
C LYS D 48 15.79 -48.00 2.01
N LYS D 49 16.47 -48.13 0.87
CA LYS D 49 17.59 -49.11 0.69
C LYS D 49 18.85 -48.59 1.39
N LYS D 50 19.11 -47.29 1.30
CA LYS D 50 20.32 -46.66 1.87
C LYS D 50 20.30 -46.86 3.39
N TYR D 51 19.15 -46.67 4.05
CA TYR D 51 19.02 -46.64 5.53
C TYR D 51 18.59 -48.02 6.06
N VAL D 52 19.21 -49.10 5.57
CA VAL D 52 18.90 -50.52 5.98
C VAL D 52 19.55 -50.80 7.32
N GLU D 53 20.81 -50.38 7.51
CA GLU D 53 21.60 -50.64 8.74
C GLU D 53 20.83 -50.07 9.93
N VAL D 54 20.32 -48.85 9.76
CA VAL D 54 19.58 -48.02 10.76
C VAL D 54 18.15 -48.55 10.97
N GLU D 55 17.63 -49.36 10.04
CA GLU D 55 16.18 -49.74 9.92
C GLU D 55 15.63 -50.42 11.18
N ALA D 56 16.41 -51.33 11.78
CA ALA D 56 16.00 -52.17 12.94
C ALA D 56 15.59 -51.27 14.12
N ASP D 57 16.43 -50.30 14.48
CA ASP D 57 16.18 -49.30 15.56
C ASP D 57 14.90 -48.49 15.26
N LEU D 58 14.75 -48.00 14.03
CA LEU D 58 13.66 -47.06 13.63
C LEU D 58 12.32 -47.80 13.54
N LYS D 59 12.29 -49.14 13.68
CA LYS D 59 11.05 -49.91 13.98
C LYS D 59 10.78 -49.82 15.49
N GLN D 60 11.83 -49.88 16.32
CA GLN D 60 11.73 -49.90 17.81
C GLN D 60 11.41 -48.49 18.35
N VAL D 61 11.89 -47.44 17.67
CA VAL D 61 11.50 -46.02 17.93
C VAL D 61 10.01 -45.85 17.58
N LEU D 62 9.60 -46.36 16.43
CA LEU D 62 8.24 -46.16 15.85
C LEU D 62 7.19 -46.74 16.80
N GLU D 63 7.43 -47.94 17.35
CA GLU D 63 6.51 -48.59 18.31
C GLU D 63 6.35 -47.67 19.54
N LYS D 64 7.42 -47.18 20.16
CA LYS D 64 7.29 -46.30 21.35
C LYS D 64 6.61 -44.99 20.94
N SER D 65 7.01 -44.37 19.82
CA SER D 65 6.58 -43.01 19.38
C SER D 65 5.07 -42.99 19.10
N GLU D 66 4.52 -44.15 18.74
CA GLU D 66 3.10 -44.36 18.37
C GLU D 66 2.28 -44.59 19.65
N GLY D 67 2.88 -45.30 20.62
CA GLY D 67 2.27 -45.53 21.94
C GLY D 67 2.22 -44.23 22.72
N LEU D 68 3.30 -43.44 22.65
CA LEU D 68 3.39 -42.11 23.31
C LEU D 68 2.33 -41.20 22.68
N ARG D 69 2.26 -41.16 21.34
CA ARG D 69 1.23 -40.36 20.59
C ARG D 69 -0.18 -40.76 21.03
N ARG D 70 -0.44 -42.08 21.16
CA ARG D 70 -1.74 -42.57 21.71
C ARG D 70 -1.95 -41.91 23.10
N THR D 71 -1.00 -42.09 24.03
CA THR D 71 -1.10 -41.66 25.46
C THR D 71 -1.34 -40.14 25.49
N LEU D 72 -0.64 -39.38 24.64
CA LEU D 72 -0.66 -37.88 24.63
C LEU D 72 -1.99 -37.29 24.13
N THR D 73 -2.75 -38.04 23.33
CA THR D 73 -4.06 -37.62 22.76
C THR D 73 -5.14 -37.78 23.83
N GLY D 74 -5.05 -38.90 24.56
CA GLY D 74 -5.81 -39.15 25.80
C GLY D 74 -5.58 -38.03 26.80
N MET D 75 -4.34 -37.56 26.93
CA MET D 75 -3.96 -36.56 27.98
C MET D 75 -4.64 -35.22 27.72
N ILE D 76 -5.03 -34.91 26.49
CA ILE D 76 -5.84 -33.70 26.19
C ILE D 76 -7.08 -33.74 27.09
N ALA D 77 -7.82 -34.87 27.08
CA ALA D 77 -8.99 -35.17 27.95
C ALA D 77 -8.62 -35.05 29.43
N ASP D 78 -7.59 -35.79 29.87
CA ASP D 78 -7.19 -35.95 31.29
C ASP D 78 -7.05 -34.56 31.94
N ASP D 79 -6.45 -33.61 31.22
CA ASP D 79 -6.32 -32.19 31.65
C ASP D 79 -7.67 -31.70 32.19
N VAL D 80 -8.76 -32.04 31.48
CA VAL D 80 -10.16 -31.61 31.78
C VAL D 80 -10.69 -32.40 32.98
N GLU D 81 -10.45 -33.71 33.09
CA GLU D 81 -10.91 -34.50 34.27
C GLU D 81 -10.31 -33.85 35.52
N ALA D 82 -8.99 -33.68 35.49
CA ALA D 82 -8.15 -33.25 36.63
C ALA D 82 -8.54 -31.82 37.01
N PHE D 83 -8.68 -30.92 36.03
CA PHE D 83 -9.03 -29.50 36.26
C PHE D 83 -10.44 -29.40 36.86
N ASP D 84 -11.39 -30.16 36.30
CA ASP D 84 -12.81 -30.11 36.71
C ASP D 84 -12.95 -30.71 38.10
N ALA D 85 -12.16 -31.73 38.42
CA ALA D 85 -12.14 -32.33 39.77
C ALA D 85 -11.61 -31.29 40.78
N VAL D 86 -10.72 -30.39 40.37
CA VAL D 86 -10.18 -29.34 41.29
C VAL D 86 -11.24 -28.25 41.49
N MET D 87 -12.00 -27.91 40.45
CA MET D 87 -13.08 -26.90 40.59
C MET D 87 -14.22 -27.48 41.44
N GLY D 88 -14.55 -28.77 41.28
CA GLY D 88 -15.55 -29.47 42.09
C GLY D 88 -15.26 -29.29 43.57
N ALA D 89 -13.99 -29.52 43.94
CA ALA D 89 -13.51 -29.45 45.35
C ALA D 89 -13.70 -28.02 45.88
N TYR D 90 -13.07 -27.04 45.23
CA TYR D 90 -13.17 -25.61 45.60
C TYR D 90 -14.66 -25.25 45.64
N GLY D 91 -15.48 -25.80 44.74
CA GLY D 91 -16.93 -25.51 44.66
C GLY D 91 -17.68 -25.84 45.95
N LEU D 92 -17.24 -26.85 46.70
CA LEU D 92 -17.97 -27.46 47.85
C LEU D 92 -18.27 -26.38 48.89
N PRO D 93 -19.32 -26.54 49.73
CA PRO D 93 -19.66 -25.52 50.71
C PRO D 93 -18.57 -25.45 51.79
N LYS D 94 -18.40 -24.27 52.41
CA LYS D 94 -17.41 -24.01 53.49
C LYS D 94 -18.13 -23.43 54.71
N ASN D 95 -19.43 -23.65 54.85
CA ASN D 95 -20.26 -22.95 55.88
C ASN D 95 -19.82 -23.41 57.28
N THR D 96 -20.12 -24.65 57.65
CA THR D 96 -19.83 -25.26 58.97
C THR D 96 -18.36 -25.70 59.00
N ASP D 97 -17.83 -26.05 60.17
CA ASP D 97 -16.45 -26.56 60.35
C ASP D 97 -16.32 -27.94 59.70
N GLU D 98 -17.34 -28.79 59.85
CA GLU D 98 -17.44 -30.13 59.22
C GLU D 98 -17.22 -29.99 57.70
N GLU D 99 -17.96 -29.06 57.07
CA GLU D 99 -17.95 -28.77 55.61
C GLU D 99 -16.59 -28.20 55.17
N LYS D 100 -15.98 -27.30 55.96
CA LYS D 100 -14.63 -26.73 55.67
C LYS D 100 -13.62 -27.88 55.73
N ALA D 101 -13.48 -28.54 56.88
CA ALA D 101 -12.57 -29.67 57.10
C ALA D 101 -12.71 -30.69 55.97
N ALA D 102 -13.95 -31.09 55.64
CA ALA D 102 -14.30 -32.09 54.60
C ALA D 102 -13.91 -31.60 53.20
N ARG D 103 -14.14 -30.30 52.92
CA ARG D 103 -13.80 -29.62 51.64
C ARG D 103 -12.27 -29.63 51.45
N ALA D 104 -11.54 -28.93 52.31
CA ALA D 104 -10.06 -28.92 52.42
C ALA D 104 -9.48 -30.25 51.90
N ALA D 105 -9.89 -31.38 52.49
CA ALA D 105 -9.38 -32.75 52.21
C ALA D 105 -9.66 -33.14 50.76
N LYS D 106 -10.88 -32.86 50.28
CA LYS D 106 -11.27 -33.11 48.87
C LYS D 106 -10.37 -32.22 47.99
N ILE D 107 -10.15 -30.97 48.41
CA ILE D 107 -9.23 -30.01 47.73
C ILE D 107 -7.84 -30.61 47.62
N GLN D 108 -7.28 -31.12 48.72
CA GLN D 108 -5.91 -31.68 48.74
C GLN D 108 -5.82 -32.88 47.77
N GLU D 109 -6.90 -33.68 47.68
CA GLU D 109 -6.94 -34.93 46.89
C GLU D 109 -6.93 -34.57 45.41
N ALA D 110 -7.75 -33.60 45.04
CA ALA D 110 -7.85 -33.05 43.66
C ALA D 110 -6.47 -32.54 43.23
N LEU D 111 -5.77 -31.85 44.13
CA LEU D 111 -4.46 -31.18 43.86
C LEU D 111 -3.32 -32.20 43.74
N LYS D 112 -3.35 -33.32 44.47
CA LYS D 112 -2.41 -34.47 44.27
C LYS D 112 -2.57 -35.02 42.85
N THR D 113 -3.81 -35.30 42.42
CA THR D 113 -4.16 -35.75 41.05
C THR D 113 -3.81 -34.67 40.03
N ALA D 114 -4.07 -33.39 40.36
CA ALA D 114 -3.83 -32.23 39.49
C ALA D 114 -2.32 -32.00 39.35
N THR D 115 -1.48 -32.68 40.14
CA THR D 115 0.00 -32.62 40.01
C THR D 115 0.54 -33.81 39.22
N ASP D 116 0.03 -35.03 39.44
CA ASP D 116 0.53 -36.26 38.78
C ASP D 116 0.09 -36.30 37.30
N VAL D 117 -0.97 -35.58 36.90
CA VAL D 117 -1.52 -35.62 35.51
C VAL D 117 -0.66 -34.77 34.58
N PRO D 118 -0.30 -33.51 34.91
CA PRO D 118 0.75 -32.83 34.17
C PRO D 118 2.12 -33.56 34.22
N LEU D 119 2.52 -34.10 35.38
CA LEU D 119 3.90 -34.67 35.53
C LEU D 119 4.01 -35.97 34.72
N ALA D 120 2.89 -36.65 34.47
CA ALA D 120 2.80 -37.79 33.53
C ALA D 120 3.06 -37.26 32.12
N CYS D 121 2.49 -36.08 31.84
CA CYS D 121 2.70 -35.38 30.55
C CYS D 121 4.19 -35.05 30.39
N CYS D 122 4.79 -34.38 31.35
CA CYS D 122 6.24 -34.08 31.31
C CYS D 122 7.01 -35.35 31.01
N ARG D 123 6.61 -36.44 31.67
CA ARG D 123 7.30 -37.76 31.60
C ARG D 123 7.29 -38.27 30.17
N VAL D 124 6.16 -38.18 29.47
CA VAL D 124 6.00 -38.75 28.10
C VAL D 124 6.69 -37.82 27.08
N CYS D 125 6.49 -36.50 27.18
CA CYS D 125 7.16 -35.46 26.35
C CYS D 125 8.66 -35.72 26.38
N ARG D 126 9.20 -35.95 27.58
CA ARG D 126 10.65 -36.19 27.80
C ARG D 126 11.13 -37.45 27.07
N GLU D 127 10.34 -38.52 27.02
CA GLU D 127 10.65 -39.75 26.23
C GLU D 127 10.69 -39.38 24.75
N VAL D 128 9.76 -38.54 24.28
CA VAL D 128 9.66 -38.09 22.86
C VAL D 128 10.96 -37.36 22.46
N ILE D 129 11.54 -36.59 23.37
CA ILE D 129 12.85 -35.91 23.16
C ILE D 129 13.96 -36.96 22.98
N ASP D 130 13.98 -38.01 23.81
CA ASP D 130 14.89 -39.17 23.66
C ASP D 130 14.73 -39.76 22.24
N LEU D 131 13.49 -39.91 21.77
CA LEU D 131 13.14 -40.51 20.45
C LEU D 131 13.41 -39.53 19.30
N ALA D 132 13.53 -38.22 19.55
CA ALA D 132 13.84 -37.21 18.51
C ALA D 132 15.34 -37.22 18.22
N GLU D 133 16.17 -37.41 19.24
CA GLU D 133 17.65 -37.53 19.09
C GLU D 133 17.96 -38.63 18.08
N ILE D 134 17.37 -39.80 18.23
CA ILE D 134 17.66 -41.00 17.39
C ILE D 134 17.30 -40.69 15.94
N VAL D 135 16.06 -40.22 15.73
CA VAL D 135 15.49 -39.82 14.41
C VAL D 135 16.33 -38.70 13.79
N ALA D 136 16.91 -37.80 14.59
CA ALA D 136 17.77 -36.70 14.14
C ALA D 136 19.16 -37.21 13.72
N GLU D 137 19.69 -38.25 14.38
CA GLU D 137 21.03 -38.86 14.07
C GLU D 137 20.92 -39.76 12.84
N LYS D 138 19.79 -40.46 12.69
CA LYS D 138 19.65 -41.68 11.84
C LYS D 138 18.60 -41.50 10.73
N GLY D 139 17.70 -40.52 10.83
CA GLY D 139 16.55 -40.36 9.92
C GLY D 139 16.97 -39.91 8.53
N ASN D 140 16.12 -40.17 7.53
CA ASN D 140 16.33 -39.83 6.09
C ASN D 140 16.40 -38.31 5.90
N LEU D 141 17.41 -37.85 5.14
CA LEU D 141 17.83 -36.42 5.07
C LEU D 141 16.79 -35.57 4.35
N ASN D 142 16.01 -36.15 3.43
CA ASN D 142 14.94 -35.44 2.65
C ASN D 142 13.91 -34.84 3.62
N VAL D 143 13.79 -35.45 4.80
CA VAL D 143 12.61 -35.29 5.68
C VAL D 143 13.10 -34.92 7.10
N ILE D 144 14.39 -34.55 7.20
CA ILE D 144 15.13 -34.42 8.49
C ILE D 144 14.64 -33.19 9.25
N SER D 145 14.12 -32.17 8.56
CA SER D 145 13.63 -30.96 9.26
C SER D 145 12.58 -31.42 10.27
N ASP D 146 11.81 -32.45 9.90
CA ASP D 146 10.65 -32.95 10.68
C ASP D 146 11.11 -33.45 12.06
N ALA D 147 12.28 -34.08 12.12
CA ALA D 147 12.98 -34.47 13.37
C ALA D 147 13.24 -33.23 14.23
N GLY D 148 13.65 -32.13 13.58
CA GLY D 148 13.85 -30.84 14.27
C GLY D 148 12.53 -30.36 14.84
N VAL D 149 11.46 -30.41 14.05
CA VAL D 149 10.14 -29.93 14.53
C VAL D 149 9.72 -30.82 15.71
N ALA D 150 9.83 -32.16 15.59
CA ALA D 150 9.52 -33.16 16.66
C ALA D 150 10.04 -32.72 18.05
N VAL D 151 11.30 -32.29 18.16
CA VAL D 151 11.96 -31.99 19.47
C VAL D 151 11.44 -30.66 20.01
N LEU D 152 11.13 -29.71 19.13
CA LEU D 152 10.69 -28.35 19.54
C LEU D 152 9.32 -28.42 20.20
N SER D 153 8.39 -29.21 19.63
CA SER D 153 7.00 -29.40 20.14
C SER D 153 7.03 -30.27 21.41
N ALA D 154 7.80 -31.36 21.37
CA ALA D 154 8.09 -32.23 22.52
C ALA D 154 8.59 -31.39 23.71
N TYR D 155 9.57 -30.51 23.48
CA TYR D 155 10.20 -29.65 24.51
C TYR D 155 9.25 -28.52 24.93
N ALA D 156 8.37 -28.04 24.03
CA ALA D 156 7.29 -27.08 24.38
C ALA D 156 6.29 -27.75 25.31
N GLY D 157 5.86 -28.98 24.98
CA GLY D 157 4.94 -29.82 25.78
C GLY D 157 5.43 -30.02 27.21
N LEU D 158 6.68 -30.47 27.35
CA LEU D 158 7.39 -30.75 28.64
C LEU D 158 7.26 -29.55 29.58
N ARG D 159 7.72 -28.37 29.16
CA ARG D 159 7.84 -27.20 30.07
C ARG D 159 6.46 -26.56 30.28
N SER D 160 5.60 -26.63 29.27
CA SER D 160 4.17 -26.21 29.37
C SER D 160 3.54 -27.04 30.49
N ALA D 161 3.50 -28.37 30.32
CA ALA D 161 2.98 -29.31 31.35
C ALA D 161 3.66 -29.04 32.70
N ALA D 162 4.95 -28.73 32.70
CA ALA D 162 5.78 -28.45 33.90
C ALA D 162 5.21 -27.26 34.65
N LEU D 163 4.60 -26.30 33.96
CA LEU D 163 4.11 -25.08 34.65
C LEU D 163 2.88 -25.47 35.46
N ASN D 164 2.06 -26.37 34.92
CA ASN D 164 0.85 -26.90 35.57
C ASN D 164 1.23 -27.73 36.80
N VAL D 165 2.33 -28.47 36.75
CA VAL D 165 2.82 -29.25 37.92
C VAL D 165 3.07 -28.25 39.07
N TYR D 166 3.83 -27.18 38.82
CA TYR D 166 4.20 -26.12 39.80
C TYR D 166 2.95 -25.45 40.41
N VAL D 167 1.98 -25.02 39.59
CA VAL D 167 0.76 -24.30 40.10
C VAL D 167 0.01 -25.21 41.09
N ASN D 168 0.00 -26.52 40.83
CA ASN D 168 -0.75 -27.54 41.63
C ASN D 168 0.06 -28.03 42.84
N ALA D 169 1.38 -28.20 42.70
CA ALA D 169 2.22 -28.67 43.83
C ALA D 169 2.20 -27.66 44.99
N LYS D 170 2.23 -26.35 44.71
CA LYS D 170 2.44 -25.32 45.77
C LYS D 170 1.21 -25.22 46.68
N GLY D 171 0.14 -25.95 46.39
CA GLY D 171 -1.10 -25.93 47.17
C GLY D 171 -1.23 -27.14 48.08
N LEU D 172 -0.50 -28.21 47.77
CA LEU D 172 -0.52 -29.47 48.56
C LEU D 172 -0.01 -29.20 49.98
N ASP D 173 -0.72 -29.69 51.00
CA ASP D 173 -0.25 -29.72 52.41
C ASP D 173 0.82 -30.81 52.56
N ASP D 174 0.74 -31.90 51.80
CA ASP D 174 1.70 -33.04 51.85
C ASP D 174 3.01 -32.59 51.18
N ARG D 175 3.88 -31.95 51.96
CA ARG D 175 5.21 -31.48 51.51
C ARG D 175 6.03 -32.65 50.92
N ALA D 176 5.97 -33.84 51.51
CA ALA D 176 6.83 -34.98 51.11
C ALA D 176 6.37 -35.53 49.76
N PHE D 177 5.07 -35.64 49.54
CA PHE D 177 4.42 -35.89 48.23
C PHE D 177 4.84 -34.86 47.18
N ALA D 178 4.82 -33.56 47.55
CA ALA D 178 5.04 -32.41 46.63
C ALA D 178 6.47 -32.44 46.13
N GLU D 179 7.43 -32.38 47.07
CA GLU D 179 8.90 -32.34 46.79
C GLU D 179 9.33 -33.63 46.09
N GLU D 180 8.56 -34.71 46.21
CA GLU D 180 8.80 -36.01 45.50
C GLU D 180 8.47 -35.83 44.02
N ARG D 181 7.32 -35.22 43.73
CA ARG D 181 6.94 -34.82 42.35
C ARG D 181 7.94 -33.75 41.87
N LEU D 182 8.16 -32.67 42.63
CA LEU D 182 9.06 -31.54 42.23
C LEU D 182 10.49 -32.05 41.95
N LYS D 183 10.94 -33.09 42.65
CA LYS D 183 12.26 -33.74 42.43
C LYS D 183 12.26 -34.49 41.09
N GLU D 184 11.34 -35.43 40.83
CA GLU D 184 11.30 -36.14 39.52
C GLU D 184 11.29 -35.12 38.36
N LEU D 185 10.48 -34.07 38.50
CA LEU D 185 10.33 -32.99 37.48
C LEU D 185 11.70 -32.39 37.16
N GLU D 186 12.39 -31.81 38.17
CA GLU D 186 13.80 -31.35 38.11
C GLU D 186 14.66 -32.39 37.35
N GLY D 187 14.42 -33.69 37.59
CA GLY D 187 15.04 -34.80 36.85
C GLY D 187 14.73 -34.77 35.37
N LEU D 188 13.43 -34.75 35.01
CA LEU D 188 12.93 -34.66 33.61
C LEU D 188 13.40 -33.37 32.90
N LEU D 189 13.57 -32.27 33.63
CA LEU D 189 13.96 -30.95 33.06
C LEU D 189 15.49 -30.73 33.12
N ALA D 190 16.25 -31.72 33.61
CA ALA D 190 17.69 -31.58 33.99
C ALA D 190 18.51 -31.01 32.84
N GLU D 191 18.74 -31.81 31.79
CA GLU D 191 19.64 -31.41 30.66
C GLU D 191 18.86 -31.48 29.34
N ALA D 192 17.52 -31.30 29.41
CA ALA D 192 16.56 -31.38 28.28
C ALA D 192 16.50 -30.06 27.49
N GLY D 193 16.82 -28.92 28.12
CA GLY D 193 17.02 -27.65 27.40
C GLY D 193 18.29 -27.70 26.56
N ALA D 194 19.31 -28.42 27.06
CA ALA D 194 20.56 -28.72 26.35
C ALA D 194 20.32 -29.79 25.28
N LEU D 195 19.70 -30.92 25.64
CA LEU D 195 19.41 -32.02 24.67
C LEU D 195 18.60 -31.47 23.49
N ASN D 196 17.66 -30.54 23.74
CA ASN D 196 16.79 -29.91 22.70
C ASN D 196 17.65 -29.02 21.81
N GLU D 197 18.56 -28.24 22.38
CA GLU D 197 19.48 -27.39 21.58
C GLU D 197 20.33 -28.31 20.69
N ARG D 198 20.91 -29.37 21.24
CA ARG D 198 21.84 -30.27 20.51
C ARG D 198 21.10 -30.92 19.33
N ILE D 199 19.86 -31.43 19.53
CA ILE D 199 19.06 -32.13 18.48
C ILE D 199 18.69 -31.14 17.35
N TYR D 200 18.09 -30.01 17.70
CA TYR D 200 17.67 -28.92 16.78
C TYR D 200 18.85 -28.44 15.93
N GLU D 201 20.00 -28.20 16.56
CA GLU D 201 21.23 -27.73 15.88
C GLU D 201 21.78 -28.85 14.99
N THR D 202 21.73 -30.12 15.41
CA THR D 202 22.08 -31.27 14.52
C THR D 202 21.25 -31.16 13.23
N VAL D 203 19.93 -31.00 13.37
CA VAL D 203 18.98 -30.91 12.22
C VAL D 203 19.29 -29.64 11.38
N LYS D 204 19.51 -28.50 12.02
CA LYS D 204 19.73 -27.20 11.33
C LYS D 204 20.95 -27.27 10.41
N SER D 205 21.98 -28.05 10.77
CA SER D 205 23.24 -28.18 9.99
C SER D 205 23.11 -29.31 8.95
N LYS D 206 22.42 -30.40 9.28
CA LYS D 206 22.04 -31.48 8.33
C LYS D 206 21.05 -30.95 7.30
N VAL D 207 20.40 -29.81 7.55
CA VAL D 207 19.54 -29.14 6.54
C VAL D 207 20.43 -28.50 5.45
N ASN D 208 21.65 -28.06 5.80
CA ASN D 208 22.62 -27.42 4.86
C ASN D 208 23.61 -28.47 4.33
N GLY E 3 -7.74 10.87 -7.70
CA GLY E 3 -8.55 11.43 -6.55
C GLY E 3 -9.14 10.34 -5.67
N ASN E 4 -8.29 9.52 -5.05
CA ASN E 4 -8.69 8.21 -4.45
C ASN E 4 -8.61 8.27 -2.91
N GLU E 5 -8.95 9.41 -2.30
CA GLU E 5 -9.20 9.49 -0.83
C GLU E 5 -10.63 9.97 -0.62
N THR E 6 -11.25 9.47 0.44
CA THR E 6 -12.67 9.68 0.83
C THR E 6 -12.93 11.18 1.02
N ILE E 7 -14.15 11.63 0.71
CA ILE E 7 -14.58 13.05 0.92
C ILE E 7 -14.39 13.42 2.40
N GLU E 8 -14.93 12.65 3.36
CA GLU E 8 -14.84 12.99 4.80
C GLU E 8 -13.38 12.84 5.26
N THR E 9 -12.62 11.85 4.76
CA THR E 9 -11.16 11.78 5.02
C THR E 9 -10.57 13.14 4.66
N PHE E 10 -10.92 13.66 3.47
CA PHE E 10 -10.38 14.93 2.91
C PHE E 10 -10.80 16.10 3.81
N LEU E 11 -12.10 16.23 4.03
CA LEU E 11 -12.66 17.33 4.86
C LEU E 11 -11.97 17.30 6.24
N ASP E 12 -11.62 16.11 6.73
CA ASP E 12 -10.98 15.91 8.05
C ASP E 12 -9.56 16.49 7.99
N GLY E 13 -8.76 16.08 6.99
CA GLY E 13 -7.41 16.61 6.72
C GLY E 13 -7.42 18.12 6.47
N LEU E 14 -8.47 18.63 5.82
CA LEU E 14 -8.56 20.06 5.45
C LEU E 14 -8.78 20.91 6.72
N ALA E 15 -9.61 20.39 7.62
CA ALA E 15 -10.03 21.04 8.89
C ALA E 15 -8.85 21.10 9.86
N SER E 16 -8.04 20.04 9.89
CA SER E 16 -6.85 19.87 10.76
C SER E 16 -5.72 20.82 10.33
N SER E 17 -4.76 21.05 11.24
CA SER E 17 -3.69 22.09 11.19
C SER E 17 -2.51 21.66 10.30
N ALA E 18 -2.49 20.41 9.83
CA ALA E 18 -1.61 19.93 8.73
C ALA E 18 -1.74 20.91 7.56
N PRO E 19 -0.61 21.35 6.97
CA PRO E 19 -0.65 22.38 5.93
C PRO E 19 -1.31 21.88 4.64
N THR E 20 -1.23 20.56 4.42
CA THR E 20 -1.88 19.82 3.30
C THR E 20 -2.81 18.78 3.90
N PRO E 21 -4.06 18.63 3.40
CA PRO E 21 -4.66 19.56 2.45
C PRO E 21 -4.92 20.99 2.95
N GLY E 22 -4.82 21.96 2.03
CA GLY E 22 -5.03 23.41 2.24
C GLY E 22 -5.89 24.03 1.14
N GLY E 23 -5.83 25.35 0.99
CA GLY E 23 -6.78 26.12 0.16
C GLY E 23 -6.62 25.82 -1.32
N GLY E 24 -5.40 25.54 -1.77
CA GLY E 24 -5.13 25.09 -3.15
C GLY E 24 -5.85 23.78 -3.43
N GLY E 25 -5.80 22.84 -2.47
CA GLY E 25 -6.52 21.55 -2.51
C GLY E 25 -8.00 21.76 -2.73
N ALA E 26 -8.61 22.62 -1.90
CA ALA E 26 -10.02 23.07 -1.99
C ALA E 26 -10.27 23.59 -3.40
N ALA E 27 -9.46 24.59 -3.80
CA ALA E 27 -9.62 25.35 -5.06
C ALA E 27 -9.64 24.37 -6.23
N ALA E 28 -8.89 23.27 -6.15
CA ALA E 28 -8.82 22.22 -7.20
C ALA E 28 -10.19 21.52 -7.30
N ILE E 29 -10.79 21.14 -6.17
CA ILE E 29 -12.14 20.51 -6.12
C ILE E 29 -13.16 21.51 -6.69
N SER E 30 -13.31 22.71 -6.10
CA SER E 30 -14.23 23.75 -6.60
C SER E 30 -14.34 23.64 -8.13
N GLY E 31 -13.22 23.84 -8.82
CA GLY E 31 -13.11 23.83 -10.28
C GLY E 31 -13.53 22.51 -10.89
N ALA E 32 -13.15 21.39 -10.25
CA ALA E 32 -13.46 20.02 -10.72
C ALA E 32 -14.98 19.85 -10.73
N MET E 33 -15.66 20.22 -9.65
CA MET E 33 -17.14 20.20 -9.56
C MET E 33 -17.75 21.12 -10.65
N GLY E 34 -17.09 22.26 -10.93
CA GLY E 34 -17.38 23.10 -12.10
C GLY E 34 -17.41 22.29 -13.39
N ALA E 35 -16.30 21.62 -13.72
CA ALA E 35 -16.09 20.83 -14.96
C ALA E 35 -17.11 19.68 -15.05
N ALA E 36 -17.46 19.04 -13.92
CA ALA E 36 -18.45 17.94 -13.85
C ALA E 36 -19.84 18.47 -14.14
N LEU E 37 -20.27 19.49 -13.40
CA LEU E 37 -21.58 20.14 -13.59
C LEU E 37 -21.77 20.52 -15.06
N VAL E 38 -20.72 21.00 -15.75
CA VAL E 38 -20.75 21.29 -17.21
C VAL E 38 -21.00 19.98 -17.96
N SER E 39 -20.25 18.94 -17.60
CA SER E 39 -20.35 17.59 -18.20
C SER E 39 -21.78 17.05 -18.05
N MET E 40 -22.44 17.30 -16.90
CA MET E 40 -23.82 16.83 -16.59
C MET E 40 -24.81 17.49 -17.57
N VAL E 41 -24.79 18.81 -17.63
CA VAL E 41 -25.64 19.66 -18.51
C VAL E 41 -25.38 19.23 -19.96
N CYS E 42 -24.15 18.86 -20.32
CA CYS E 42 -23.80 18.34 -21.66
C CYS E 42 -24.55 17.03 -21.89
N ASN E 43 -24.54 16.12 -20.91
CA ASN E 43 -24.97 14.70 -21.02
C ASN E 43 -26.49 14.62 -21.13
N LEU E 44 -27.21 15.43 -20.36
CA LEU E 44 -28.70 15.48 -20.37
C LEU E 44 -29.18 16.59 -21.33
N THR E 45 -28.37 16.91 -22.35
CA THR E 45 -28.72 17.77 -23.51
C THR E 45 -28.38 16.99 -24.80
N ILE E 46 -27.19 16.40 -24.88
CA ILE E 46 -26.83 15.40 -25.92
C ILE E 46 -27.87 14.27 -25.86
N GLY E 47 -28.38 13.83 -27.02
CA GLY E 47 -29.40 12.77 -27.15
C GLY E 47 -30.81 13.35 -27.30
N LYS E 48 -31.03 14.56 -26.77
CA LYS E 48 -32.35 15.26 -26.72
C LYS E 48 -32.34 16.39 -27.77
N LYS E 49 -32.05 16.03 -29.02
CA LYS E 49 -31.89 16.98 -30.15
C LYS E 49 -33.03 16.72 -31.16
N GLU E 53 -30.32 19.81 -32.33
CA GLU E 53 -29.39 20.23 -33.43
C GLU E 53 -27.99 20.46 -32.88
N VAL E 54 -27.87 20.95 -31.64
CA VAL E 54 -26.64 21.51 -31.00
C VAL E 54 -25.78 20.38 -30.40
N GLU E 55 -26.24 19.11 -30.55
CA GLU E 55 -25.60 17.87 -30.03
C GLU E 55 -24.09 17.88 -30.33
N ALA E 56 -23.69 18.20 -31.56
CA ALA E 56 -22.28 18.14 -32.02
C ALA E 56 -21.47 19.30 -31.44
N ASP E 57 -22.13 20.35 -30.94
CA ASP E 57 -21.45 21.55 -30.38
C ASP E 57 -21.11 21.28 -28.92
N LEU E 58 -21.92 20.47 -28.24
CA LEU E 58 -21.75 20.12 -26.80
C LEU E 58 -20.91 18.83 -26.64
N LYS E 59 -20.84 17.97 -27.66
CA LYS E 59 -19.94 16.77 -27.66
C LYS E 59 -18.49 17.25 -27.61
N GLN E 60 -18.20 18.40 -28.24
CA GLN E 60 -16.87 19.07 -28.22
C GLN E 60 -16.62 19.71 -26.84
N VAL E 61 -17.63 20.36 -26.26
CA VAL E 61 -17.59 20.98 -24.90
C VAL E 61 -17.40 19.89 -23.86
N LEU E 62 -18.01 18.71 -24.06
CA LEU E 62 -17.96 17.57 -23.11
C LEU E 62 -16.60 16.85 -23.17
N GLU E 63 -16.04 16.61 -24.36
CA GLU E 63 -14.69 16.00 -24.49
C GLU E 63 -13.64 16.98 -23.93
N LYS E 64 -13.91 18.29 -24.01
CA LYS E 64 -13.00 19.34 -23.44
C LYS E 64 -13.15 19.34 -21.91
N SER E 65 -14.38 19.34 -21.39
CA SER E 65 -14.67 19.51 -19.93
C SER E 65 -14.22 18.27 -19.16
N GLU E 66 -14.35 17.07 -19.73
CA GLU E 66 -13.93 15.84 -19.04
C GLU E 66 -12.41 15.91 -18.81
N GLY E 67 -11.68 16.51 -19.75
CA GLY E 67 -10.21 16.65 -19.70
C GLY E 67 -9.78 17.62 -18.61
N LEU E 68 -10.54 18.71 -18.42
CA LEU E 68 -10.29 19.72 -17.34
C LEU E 68 -10.67 19.13 -15.98
N ARG E 69 -11.63 18.21 -15.94
CA ARG E 69 -12.02 17.58 -14.67
C ARG E 69 -10.89 16.67 -14.19
N ARG E 70 -10.43 15.77 -15.04
CA ARG E 70 -9.37 14.76 -14.70
C ARG E 70 -8.10 15.52 -14.31
N THR E 71 -7.80 16.61 -15.01
CA THR E 71 -6.71 17.57 -14.64
C THR E 71 -6.91 18.12 -13.23
N LEU E 72 -8.01 18.84 -13.00
CA LEU E 72 -8.28 19.57 -11.72
C LEU E 72 -8.24 18.62 -10.53
N THR E 73 -8.54 17.34 -10.70
CA THR E 73 -8.50 16.33 -9.61
C THR E 73 -7.03 15.93 -9.40
N GLY E 74 -6.23 15.97 -10.47
CA GLY E 74 -4.76 15.88 -10.43
C GLY E 74 -4.15 17.01 -9.60
N MET E 75 -4.82 18.16 -9.51
CA MET E 75 -4.29 19.41 -8.91
C MET E 75 -4.38 19.34 -7.38
N ILE E 76 -5.15 18.37 -6.86
CA ILE E 76 -5.16 18.02 -5.40
C ILE E 76 -3.75 17.57 -5.05
N ALA E 77 -3.20 16.63 -5.83
CA ALA E 77 -1.82 16.11 -5.68
C ALA E 77 -0.80 17.19 -6.06
N ASP E 78 -1.04 17.96 -7.13
CA ASP E 78 -0.09 18.97 -7.65
C ASP E 78 0.12 20.04 -6.58
N ASP E 79 -0.89 20.31 -5.75
CA ASP E 79 -0.84 21.29 -4.64
C ASP E 79 0.08 20.77 -3.52
N VAL E 80 0.11 19.45 -3.29
CA VAL E 80 0.94 18.78 -2.25
C VAL E 80 2.42 18.85 -2.68
N GLU E 81 2.72 18.56 -3.94
CA GLU E 81 4.12 18.56 -4.46
C GLU E 81 4.69 19.97 -4.31
N ALA E 82 3.92 20.98 -4.73
CA ALA E 82 4.30 22.41 -4.73
C ALA E 82 4.54 22.95 -3.31
N PHE E 83 3.80 22.46 -2.30
CA PHE E 83 3.97 22.89 -0.89
C PHE E 83 5.22 22.21 -0.33
N ASP E 84 5.39 20.94 -0.65
CA ASP E 84 6.53 20.09 -0.21
C ASP E 84 7.84 20.56 -0.87
N ALA E 85 7.77 21.24 -2.01
CA ALA E 85 8.94 21.74 -2.78
C ALA E 85 9.49 22.98 -2.07
N VAL E 86 8.60 23.87 -1.64
CA VAL E 86 8.95 25.04 -0.78
C VAL E 86 9.49 24.53 0.55
N MET E 87 8.68 23.70 1.23
CA MET E 87 8.98 23.18 2.59
C MET E 87 10.39 22.58 2.58
N GLY E 88 10.64 21.62 1.67
CA GLY E 88 11.90 20.87 1.55
C GLY E 88 13.04 21.74 1.07
N ALA E 89 12.76 22.84 0.36
CA ALA E 89 13.78 23.83 -0.07
C ALA E 89 14.20 24.68 1.14
N TYR E 90 13.28 24.97 2.04
CA TYR E 90 13.58 25.77 3.26
C TYR E 90 14.40 24.93 4.24
N GLY E 91 14.24 23.61 4.23
CA GLY E 91 14.79 22.73 5.27
C GLY E 91 16.17 22.18 4.95
N LEU E 92 16.88 22.75 3.96
CA LEU E 92 18.21 22.23 3.49
C LEU E 92 19.33 22.77 4.40
N GLU E 99 26.14 25.38 -1.50
CA GLU E 99 25.34 24.85 -0.37
C GLU E 99 24.37 25.93 0.11
N LYS E 100 24.90 27.06 0.61
CA LYS E 100 24.13 28.15 1.25
C LYS E 100 23.48 29.04 0.18
N ALA E 101 24.15 29.23 -0.96
CA ALA E 101 23.59 29.90 -2.16
C ALA E 101 22.72 28.90 -2.96
N ALA E 102 23.15 27.65 -3.09
CA ALA E 102 22.34 26.53 -3.65
C ALA E 102 20.95 26.47 -2.96
N ARG E 103 20.90 26.55 -1.63
CA ARG E 103 19.64 26.63 -0.83
C ARG E 103 18.79 27.81 -1.32
N ALA E 104 19.36 29.01 -1.51
CA ALA E 104 18.65 30.19 -2.03
C ALA E 104 18.03 29.88 -3.40
N ALA E 105 18.76 29.20 -4.29
CA ALA E 105 18.38 28.91 -5.69
C ALA E 105 17.30 27.82 -5.74
N LYS E 106 17.35 26.82 -4.87
CA LYS E 106 16.33 25.74 -4.78
C LYS E 106 15.05 26.29 -4.11
N ILE E 107 15.12 27.45 -3.43
CA ILE E 107 13.93 28.20 -2.91
C ILE E 107 13.31 29.00 -4.06
N GLN E 108 14.11 29.78 -4.77
CA GLN E 108 13.64 30.58 -5.92
C GLN E 108 13.00 29.64 -6.94
N GLU E 109 13.56 28.44 -7.12
CA GLU E 109 13.06 27.41 -8.07
C GLU E 109 11.66 26.94 -7.60
N ALA E 110 11.50 26.59 -6.33
CA ALA E 110 10.26 26.03 -5.74
C ALA E 110 9.12 27.06 -5.84
N LEU E 111 9.39 28.33 -5.53
CA LEU E 111 8.37 29.42 -5.51
C LEU E 111 7.85 29.70 -6.93
N LYS E 112 8.70 29.61 -7.95
CA LYS E 112 8.26 29.57 -9.38
C LYS E 112 7.30 28.40 -9.56
N THR E 113 7.67 27.19 -9.10
CA THR E 113 6.82 25.99 -9.18
C THR E 113 5.50 26.27 -8.43
N ALA E 114 5.57 26.90 -7.26
CA ALA E 114 4.42 27.07 -6.35
C ALA E 114 3.54 28.23 -6.81
N THR E 115 4.01 28.98 -7.81
CA THR E 115 3.28 30.09 -8.49
C THR E 115 2.64 29.55 -9.77
N ASP E 116 3.42 28.88 -10.62
CA ASP E 116 2.96 28.31 -11.93
C ASP E 116 1.96 27.17 -11.73
N VAL E 117 1.97 26.50 -10.58
CA VAL E 117 1.00 25.43 -10.19
C VAL E 117 -0.38 26.03 -9.99
N PRO E 118 -0.61 26.93 -9.01
CA PRO E 118 -1.94 27.51 -8.79
C PRO E 118 -2.44 28.34 -9.99
N LEU E 119 -1.54 28.99 -10.74
CA LEU E 119 -1.91 29.74 -11.96
C LEU E 119 -2.44 28.75 -13.01
N ALA E 120 -1.92 27.52 -13.03
CA ALA E 120 -2.41 26.41 -13.89
C ALA E 120 -3.85 26.08 -13.49
N CYS E 121 -4.18 26.25 -12.21
CA CYS E 121 -5.54 25.98 -11.68
C CYS E 121 -6.49 27.14 -12.03
N CYS E 122 -6.05 28.40 -11.90
CA CYS E 122 -6.77 29.64 -12.34
C CYS E 122 -7.11 29.49 -13.83
N ARG E 123 -6.09 29.32 -14.65
CA ARG E 123 -6.23 29.06 -16.11
C ARG E 123 -7.33 28.01 -16.31
N VAL E 124 -7.10 26.76 -15.87
CA VAL E 124 -8.02 25.60 -16.12
C VAL E 124 -9.43 25.99 -15.66
N CYS E 125 -9.53 26.64 -14.50
CA CYS E 125 -10.83 27.12 -13.95
C CYS E 125 -11.45 28.15 -14.91
N ARG E 126 -10.70 29.17 -15.37
CA ARG E 126 -11.21 30.20 -16.30
C ARG E 126 -11.86 29.54 -17.53
N GLU E 127 -11.16 28.59 -18.15
CA GLU E 127 -11.66 27.82 -19.33
C GLU E 127 -12.97 27.11 -18.96
N VAL E 128 -13.06 26.55 -17.75
CA VAL E 128 -14.30 25.86 -17.26
C VAL E 128 -15.45 26.85 -17.37
N ILE E 129 -15.28 28.06 -16.84
CA ILE E 129 -16.30 29.15 -16.89
C ILE E 129 -16.77 29.32 -18.34
N ASP E 130 -15.84 29.36 -19.32
CA ASP E 130 -16.17 29.48 -20.77
C ASP E 130 -17.15 28.37 -21.17
N LEU E 131 -17.04 27.17 -20.58
CA LEU E 131 -17.92 26.01 -20.89
C LEU E 131 -19.27 26.19 -20.17
N ALA E 132 -19.25 26.76 -18.97
CA ALA E 132 -20.48 27.12 -18.20
C ALA E 132 -21.34 28.05 -19.06
N GLU E 133 -20.76 29.19 -19.50
CA GLU E 133 -21.35 30.15 -20.49
C GLU E 133 -22.05 29.37 -21.59
N ILE E 134 -21.33 28.53 -22.33
CA ILE E 134 -21.84 27.81 -23.52
C ILE E 134 -23.07 26.96 -23.10
N VAL E 135 -22.91 26.03 -22.16
CA VAL E 135 -24.00 25.09 -21.74
C VAL E 135 -25.12 25.86 -21.01
N ALA E 136 -24.87 27.10 -20.57
CA ALA E 136 -25.89 28.00 -20.00
C ALA E 136 -26.66 28.73 -21.12
N GLU E 137 -26.16 28.70 -22.36
CA GLU E 137 -26.83 29.32 -23.55
C GLU E 137 -27.37 28.26 -24.51
N LYS E 138 -26.99 26.99 -24.36
CA LYS E 138 -27.46 25.89 -25.25
C LYS E 138 -27.91 24.69 -24.41
N GLY E 139 -28.10 24.90 -23.10
CA GLY E 139 -28.33 23.82 -22.12
C GLY E 139 -29.79 23.45 -22.03
N ASN E 140 -30.06 22.13 -21.90
CA ASN E 140 -31.37 21.57 -21.49
C ASN E 140 -31.81 22.23 -20.18
N LEU E 141 -33.12 22.27 -19.89
CA LEU E 141 -33.69 22.90 -18.67
C LEU E 141 -34.10 21.82 -17.65
N ASN E 142 -34.44 22.27 -16.45
CA ASN E 142 -34.67 21.44 -15.23
C ASN E 142 -33.31 20.95 -14.73
N VAL E 143 -32.26 21.19 -15.52
CA VAL E 143 -30.83 20.91 -15.18
C VAL E 143 -30.05 22.25 -15.25
N ILE E 144 -30.61 23.25 -15.92
CA ILE E 144 -29.97 24.56 -16.23
C ILE E 144 -29.43 25.19 -14.94
N SER E 145 -29.99 24.84 -13.78
CA SER E 145 -29.49 25.26 -12.45
C SER E 145 -28.04 24.82 -12.31
N ASP E 146 -27.77 23.54 -12.58
CA ASP E 146 -26.44 22.88 -12.50
C ASP E 146 -25.37 23.72 -13.22
N ALA E 147 -25.70 24.26 -14.41
CA ALA E 147 -24.84 25.18 -15.20
C ALA E 147 -24.48 26.46 -14.41
N GLY E 148 -25.37 26.94 -13.55
CA GLY E 148 -25.10 28.10 -12.69
C GLY E 148 -24.26 27.72 -11.48
N VAL E 149 -24.52 26.54 -10.91
CA VAL E 149 -23.66 25.94 -9.85
C VAL E 149 -22.28 25.69 -10.48
N ALA E 150 -22.25 25.21 -11.73
CA ALA E 150 -20.99 24.96 -12.47
C ALA E 150 -20.12 26.23 -12.42
N VAL E 151 -20.69 27.36 -12.81
CA VAL E 151 -19.93 28.63 -13.00
C VAL E 151 -19.43 29.10 -11.64
N LEU E 152 -20.26 29.02 -10.59
CA LEU E 152 -19.95 29.57 -9.24
C LEU E 152 -18.85 28.76 -8.59
N SER E 153 -18.99 27.42 -8.64
CA SER E 153 -17.94 26.41 -8.29
C SER E 153 -16.61 26.83 -8.93
N ALA E 154 -16.64 27.04 -10.24
CA ALA E 154 -15.44 27.30 -11.07
C ALA E 154 -14.82 28.67 -10.75
N TYR E 155 -15.63 29.68 -10.41
CA TYR E 155 -15.15 31.05 -10.12
C TYR E 155 -14.54 31.14 -8.71
N ALA E 156 -14.96 30.25 -7.81
CA ALA E 156 -14.35 30.06 -6.47
C ALA E 156 -13.00 29.36 -6.63
N GLY E 157 -12.92 28.34 -7.49
CA GLY E 157 -11.65 27.69 -7.87
C GLY E 157 -10.61 28.71 -8.32
N LEU E 158 -10.97 29.54 -9.30
CA LEU E 158 -10.12 30.60 -9.90
C LEU E 158 -9.66 31.57 -8.81
N ARG E 159 -10.60 32.21 -8.10
CA ARG E 159 -10.28 33.32 -7.17
C ARG E 159 -9.59 32.74 -5.94
N SER E 160 -9.98 31.52 -5.55
CA SER E 160 -9.34 30.77 -4.44
C SER E 160 -7.87 30.58 -4.80
N ALA E 161 -7.62 29.89 -5.91
CA ALA E 161 -6.26 29.60 -6.42
C ALA E 161 -5.48 30.93 -6.57
N ALA E 162 -6.11 31.95 -7.16
CA ALA E 162 -5.52 33.30 -7.38
C ALA E 162 -4.67 33.70 -6.18
N LEU E 163 -5.19 33.57 -4.97
CA LEU E 163 -4.48 33.97 -3.73
C LEU E 163 -3.13 33.24 -3.66
N ASN E 164 -3.11 31.93 -3.94
CA ASN E 164 -1.89 31.09 -3.86
C ASN E 164 -0.85 31.56 -4.90
N VAL E 165 -1.31 32.14 -6.02
CA VAL E 165 -0.41 32.80 -7.02
C VAL E 165 0.18 34.07 -6.38
N TYR E 166 -0.61 34.88 -5.68
CA TYR E 166 -0.12 36.11 -4.97
C TYR E 166 0.86 35.71 -3.87
N VAL E 167 0.44 34.77 -3.01
CA VAL E 167 1.17 34.41 -1.76
C VAL E 167 2.64 34.13 -2.11
N ASN E 168 2.89 33.36 -3.16
CA ASN E 168 4.24 32.89 -3.54
C ASN E 168 4.94 33.95 -4.38
N ALA E 169 4.35 34.32 -5.52
CA ALA E 169 4.87 35.28 -6.52
C ALA E 169 5.44 36.54 -5.85
N LYS E 170 4.92 36.92 -4.67
CA LYS E 170 5.35 38.15 -3.95
C LYS E 170 6.71 37.96 -3.29
N GLY E 171 7.29 36.75 -3.32
CA GLY E 171 8.61 36.43 -2.77
C GLY E 171 9.57 35.87 -3.82
N LEU E 172 9.49 36.36 -5.06
CA LEU E 172 10.35 35.93 -6.20
C LEU E 172 11.35 37.06 -6.52
N ASP E 173 12.56 36.69 -6.94
CA ASP E 173 13.66 37.61 -7.33
C ASP E 173 13.43 38.08 -8.77
N ASP E 174 13.19 37.14 -9.68
CA ASP E 174 12.88 37.40 -11.11
C ASP E 174 11.51 38.10 -11.17
N ARG E 175 11.48 39.42 -10.97
CA ARG E 175 10.26 40.27 -11.05
C ARG E 175 9.69 40.25 -12.48
N ALA E 176 10.55 39.99 -13.48
CA ALA E 176 10.15 39.79 -14.90
C ALA E 176 9.22 38.56 -14.99
N PHE E 177 9.49 37.51 -14.19
CA PHE E 177 8.68 36.28 -14.05
C PHE E 177 7.39 36.60 -13.28
N ALA E 178 7.52 37.23 -12.10
CA ALA E 178 6.40 37.56 -11.18
C ALA E 178 5.34 38.34 -11.95
N GLU E 179 5.74 39.48 -12.54
CA GLU E 179 4.84 40.45 -13.22
C GLU E 179 4.23 39.80 -14.47
N GLU E 180 5.04 39.08 -15.26
CA GLU E 180 4.57 38.23 -16.39
C GLU E 180 3.40 37.35 -15.91
N ARG E 181 3.58 36.71 -14.74
CA ARG E 181 2.61 35.75 -14.15
C ARG E 181 1.36 36.52 -13.67
N LEU E 182 1.55 37.59 -12.89
CA LEU E 182 0.44 38.35 -12.23
C LEU E 182 -0.44 38.98 -13.30
N LYS E 183 0.18 39.45 -14.40
CA LYS E 183 -0.53 40.10 -15.52
C LYS E 183 -1.39 39.06 -16.26
N GLU E 184 -0.97 37.80 -16.38
CA GLU E 184 -1.84 36.77 -17.03
C GLU E 184 -3.06 36.52 -16.13
N LEU E 185 -2.87 36.55 -14.80
CA LEU E 185 -3.94 36.30 -13.79
C LEU E 185 -5.04 37.37 -13.93
N GLU E 186 -4.68 38.67 -13.84
CA GLU E 186 -5.64 39.82 -13.96
C GLU E 186 -6.41 39.67 -15.27
N GLY E 187 -5.71 39.23 -16.32
CA GLY E 187 -6.25 38.84 -17.63
C GLY E 187 -7.31 37.77 -17.52
N LEU E 188 -7.06 36.71 -16.73
CA LEU E 188 -8.05 35.61 -16.46
C LEU E 188 -9.23 36.17 -15.64
N LEU E 189 -8.94 37.04 -14.65
CA LEU E 189 -9.90 37.53 -13.62
C LEU E 189 -10.96 38.48 -14.22
N ALA E 190 -10.59 39.74 -14.51
CA ALA E 190 -11.52 40.85 -14.85
C ALA E 190 -12.56 40.39 -15.89
N GLU E 191 -12.17 39.48 -16.79
CA GLU E 191 -13.07 38.71 -17.68
C GLU E 191 -14.15 38.03 -16.83
N ALA E 192 -13.73 37.05 -16.02
CA ALA E 192 -14.55 36.03 -15.34
C ALA E 192 -15.60 36.66 -14.42
N GLY E 193 -15.15 37.48 -13.45
CA GLY E 193 -15.98 38.12 -12.41
C GLY E 193 -17.28 38.67 -12.97
N ALA E 194 -17.23 39.18 -14.21
CA ALA E 194 -18.38 39.67 -14.98
C ALA E 194 -19.14 38.47 -15.57
N LEU E 195 -18.46 37.61 -16.34
CA LEU E 195 -19.06 36.47 -17.08
C LEU E 195 -19.75 35.51 -16.10
N ASN E 196 -19.28 35.45 -14.85
CA ASN E 196 -19.89 34.64 -13.77
C ASN E 196 -21.30 35.17 -13.50
N GLU E 197 -21.36 36.40 -12.98
CA GLU E 197 -22.59 37.13 -12.56
C GLU E 197 -23.56 37.28 -13.75
N ARG E 198 -23.04 37.32 -14.97
CA ARG E 198 -23.86 37.21 -16.21
C ARG E 198 -24.68 35.91 -16.11
N ILE E 199 -23.99 34.77 -15.98
CA ILE E 199 -24.58 33.40 -16.14
C ILE E 199 -25.38 33.02 -14.88
N TYR E 200 -25.04 33.55 -13.70
CA TYR E 200 -25.78 33.32 -12.43
C TYR E 200 -27.19 33.94 -12.52
N GLU E 201 -27.26 35.19 -12.98
CA GLU E 201 -28.51 35.99 -13.10
C GLU E 201 -29.35 35.44 -14.26
N THR E 202 -28.69 34.87 -15.27
CA THR E 202 -29.30 34.16 -16.43
C THR E 202 -30.01 32.88 -15.95
N VAL E 203 -29.34 32.06 -15.13
CA VAL E 203 -29.85 30.74 -14.64
C VAL E 203 -30.98 30.98 -13.61
N LYS E 204 -30.89 32.04 -12.79
CA LYS E 204 -31.93 32.47 -11.79
C LYS E 204 -33.26 32.73 -12.49
N SER E 205 -33.21 33.32 -13.69
CA SER E 205 -34.38 33.66 -14.55
C SER E 205 -34.86 32.43 -15.33
N LYS E 206 -33.92 31.70 -15.96
CA LYS E 206 -34.20 30.48 -16.77
C LYS E 206 -34.86 29.40 -15.91
N VAL E 207 -34.91 29.63 -14.58
CA VAL E 207 -35.76 28.92 -13.57
C VAL E 207 -37.13 29.62 -13.48
N ALA F 2 -22.65 11.80 1.04
CA ALA F 2 -21.90 10.62 1.53
C ALA F 2 -20.39 10.91 1.50
N GLY F 3 -19.80 11.13 2.67
CA GLY F 3 -18.34 11.32 2.83
C GLY F 3 -17.59 10.00 2.92
N ASN F 4 -18.17 8.90 2.42
CA ASN F 4 -17.52 7.55 2.37
C ASN F 4 -17.21 7.18 0.91
N GLU F 5 -17.59 8.04 -0.04
CA GLU F 5 -17.21 7.93 -1.47
C GLU F 5 -15.89 8.69 -1.68
N THR F 6 -15.04 8.20 -2.59
CA THR F 6 -13.83 8.92 -3.06
C THR F 6 -14.24 10.22 -3.75
N ILE F 7 -13.53 11.31 -3.47
CA ILE F 7 -13.58 12.57 -4.25
C ILE F 7 -13.79 12.22 -5.72
N GLU F 8 -13.06 11.24 -6.26
CA GLU F 8 -13.07 10.94 -7.71
C GLU F 8 -14.35 10.19 -8.11
N THR F 9 -14.88 9.30 -7.26
CA THR F 9 -16.14 8.55 -7.53
C THR F 9 -17.33 9.52 -7.54
N PHE F 10 -17.40 10.43 -6.57
CA PHE F 10 -18.39 11.54 -6.51
C PHE F 10 -18.34 12.33 -7.82
N LEU F 11 -17.18 12.86 -8.20
CA LEU F 11 -17.05 13.73 -9.39
C LEU F 11 -17.47 12.95 -10.63
N ASP F 12 -17.08 11.67 -10.74
CA ASP F 12 -17.39 10.78 -11.90
C ASP F 12 -18.91 10.67 -12.06
N GLY F 13 -19.63 10.47 -10.94
CA GLY F 13 -21.10 10.48 -10.87
C GLY F 13 -21.66 11.83 -11.27
N LEU F 14 -21.14 12.89 -10.66
CA LEU F 14 -21.56 14.31 -10.91
C LEU F 14 -21.46 14.65 -12.41
N ALA F 15 -20.46 14.16 -13.14
CA ALA F 15 -20.32 14.43 -14.59
C ALA F 15 -21.16 13.45 -15.40
N SER F 16 -21.81 12.48 -14.74
CA SER F 16 -22.54 11.37 -15.40
C SER F 16 -23.90 11.85 -15.92
N SER F 17 -24.60 10.95 -16.63
CA SER F 17 -26.00 11.10 -17.14
C SER F 17 -26.99 10.42 -16.18
N ALA F 18 -26.73 10.47 -14.87
CA ALA F 18 -27.58 9.90 -13.80
C ALA F 18 -28.29 11.04 -13.08
N PRO F 19 -29.38 10.77 -12.30
CA PRO F 19 -30.26 11.85 -11.83
C PRO F 19 -29.50 12.75 -10.85
N THR F 20 -28.92 12.12 -9.81
CA THR F 20 -27.98 12.71 -8.84
C THR F 20 -26.65 11.98 -8.97
N PRO F 21 -25.52 12.51 -8.44
CA PRO F 21 -25.49 13.79 -7.72
C PRO F 21 -25.48 14.98 -8.69
N GLY F 22 -26.15 16.07 -8.33
CA GLY F 22 -26.18 17.34 -9.05
C GLY F 22 -25.60 18.44 -8.19
N GLY F 23 -26.08 19.68 -8.35
CA GLY F 23 -25.47 20.88 -7.73
C GLY F 23 -25.88 21.06 -6.28
N GLY F 24 -27.00 20.49 -5.89
CA GLY F 24 -27.48 20.56 -4.49
C GLY F 24 -26.43 19.97 -3.56
N GLY F 25 -25.85 18.83 -3.96
CA GLY F 25 -24.78 18.15 -3.21
C GLY F 25 -23.42 18.83 -3.38
N ALA F 26 -23.16 19.39 -4.57
CA ALA F 26 -21.93 20.15 -4.88
C ALA F 26 -21.91 21.46 -4.09
N ALA F 27 -23.08 22.06 -3.84
CA ALA F 27 -23.25 23.23 -2.95
C ALA F 27 -22.69 22.91 -1.56
N ALA F 28 -23.16 21.80 -0.96
CA ALA F 28 -22.83 21.33 0.41
C ALA F 28 -21.31 21.16 0.57
N ILE F 29 -20.68 20.49 -0.39
CA ILE F 29 -19.20 20.28 -0.39
C ILE F 29 -18.52 21.65 -0.32
N SER F 30 -18.90 22.60 -1.18
CA SER F 30 -18.22 23.92 -1.25
C SER F 30 -18.37 24.55 0.14
N GLY F 31 -19.56 24.44 0.73
CA GLY F 31 -19.86 24.92 2.10
C GLY F 31 -19.00 24.22 3.15
N ALA F 32 -18.91 22.89 3.09
CA ALA F 32 -18.07 22.07 3.98
C ALA F 32 -16.62 22.55 3.89
N MET F 33 -16.06 22.58 2.68
CA MET F 33 -14.66 22.99 2.43
C MET F 33 -14.45 24.37 3.05
N GLY F 34 -15.40 25.27 2.86
CA GLY F 34 -15.42 26.57 3.58
C GLY F 34 -15.20 26.36 5.06
N ALA F 35 -16.12 25.62 5.71
CA ALA F 35 -16.20 25.42 7.17
C ALA F 35 -14.85 24.91 7.65
N ALA F 36 -14.37 23.83 7.02
CA ALA F 36 -13.05 23.22 7.26
C ALA F 36 -11.95 24.30 7.29
N LEU F 37 -11.96 25.27 6.37
CA LEU F 37 -10.89 26.31 6.24
C LEU F 37 -10.99 27.35 7.38
N VAL F 38 -12.15 27.44 8.01
CA VAL F 38 -12.29 28.16 9.31
C VAL F 38 -11.54 27.31 10.36
N SER F 39 -11.94 26.04 10.52
CA SER F 39 -11.30 25.04 11.43
C SER F 39 -9.77 25.10 11.24
N MET F 40 -9.30 25.13 10.00
CA MET F 40 -7.85 25.08 9.64
C MET F 40 -7.17 26.32 10.22
N VAL F 41 -7.68 27.52 9.92
CA VAL F 41 -7.10 28.81 10.39
C VAL F 41 -7.03 28.74 11.92
N CYS F 42 -8.12 28.28 12.55
CA CYS F 42 -8.29 28.17 14.03
C CYS F 42 -7.18 27.30 14.65
N ASN F 43 -7.07 26.03 14.24
CA ASN F 43 -6.10 25.05 14.81
C ASN F 43 -4.65 25.48 14.51
N LEU F 44 -4.44 26.58 13.77
CA LEU F 44 -3.10 27.20 13.49
C LEU F 44 -3.05 28.64 14.02
N THR F 45 -3.91 28.97 14.99
CA THR F 45 -3.85 30.22 15.80
C THR F 45 -4.18 29.83 17.25
N ILE F 46 -3.69 28.66 17.69
CA ILE F 46 -4.04 27.95 18.96
C ILE F 46 -2.91 27.01 19.34
N GLU F 55 -7.21 34.28 20.89
CA GLU F 55 -7.44 32.83 21.12
C GLU F 55 -8.87 32.58 21.62
N ALA F 56 -9.39 33.43 22.53
CA ALA F 56 -10.73 33.31 23.15
C ALA F 56 -11.76 32.92 22.08
N ASP F 57 -12.01 33.82 21.11
CA ASP F 57 -13.05 33.69 20.06
C ASP F 57 -12.89 32.35 19.33
N LEU F 58 -11.64 31.96 19.05
CA LEU F 58 -11.29 30.92 18.04
C LEU F 58 -11.51 29.50 18.57
N LYS F 59 -11.54 29.29 19.90
CA LYS F 59 -12.04 28.02 20.48
C LYS F 59 -13.51 27.90 20.10
N GLN F 60 -14.23 29.01 20.28
CA GLN F 60 -15.70 29.15 20.04
C GLN F 60 -15.98 29.02 18.54
N VAL F 61 -15.12 29.62 17.71
CA VAL F 61 -15.20 29.54 16.23
C VAL F 61 -14.92 28.08 15.85
N LEU F 62 -13.85 27.48 16.37
CA LEU F 62 -13.46 26.09 16.01
C LEU F 62 -14.60 25.12 16.32
N GLU F 63 -15.38 25.36 17.37
CA GLU F 63 -16.58 24.56 17.79
C GLU F 63 -17.65 24.62 16.69
N LYS F 64 -18.03 25.84 16.28
CA LYS F 64 -19.17 26.11 15.37
C LYS F 64 -18.79 25.68 13.94
N SER F 65 -17.55 25.95 13.52
CA SER F 65 -16.97 25.51 12.22
C SER F 65 -17.09 23.98 12.07
N GLU F 66 -16.81 23.21 13.14
CA GLU F 66 -16.75 21.72 13.08
C GLU F 66 -18.17 21.17 12.98
N GLY F 67 -19.10 21.68 13.79
CA GLY F 67 -20.50 21.28 13.71
C GLY F 67 -21.03 21.48 12.30
N LEU F 68 -20.71 22.64 11.73
CA LEU F 68 -21.21 23.10 10.41
C LEU F 68 -20.60 22.23 9.31
N ARG F 69 -19.34 21.81 9.48
CA ARG F 69 -18.63 20.91 8.54
C ARG F 69 -19.35 19.56 8.50
N ARG F 70 -19.70 19.01 9.67
CA ARG F 70 -20.42 17.72 9.80
C ARG F 70 -21.84 17.86 9.23
N THR F 71 -22.59 18.89 9.64
CA THR F 71 -23.93 19.19 9.08
C THR F 71 -23.82 19.23 7.55
N LEU F 72 -22.87 20.01 7.03
CA LEU F 72 -22.76 20.28 5.58
C LEU F 72 -22.33 19.00 4.84
N THR F 73 -21.46 18.17 5.45
CA THR F 73 -21.06 16.85 4.88
C THR F 73 -22.32 15.96 4.83
N GLY F 74 -23.13 15.97 5.90
CA GLY F 74 -24.46 15.34 5.94
C GLY F 74 -25.34 15.82 4.81
N MET F 75 -25.46 17.15 4.65
CA MET F 75 -26.36 17.81 3.66
C MET F 75 -26.12 17.25 2.25
N ILE F 76 -24.88 16.86 1.92
CA ILE F 76 -24.52 16.28 0.59
C ILE F 76 -25.55 15.25 0.13
N ALA F 77 -25.87 14.28 1.00
CA ALA F 77 -26.75 13.11 0.69
C ALA F 77 -28.21 13.50 0.93
N ASP F 78 -28.50 14.18 2.05
CA ASP F 78 -29.83 14.78 2.35
C ASP F 78 -30.39 15.34 1.04
N ASP F 79 -29.52 15.88 0.18
CA ASP F 79 -29.91 16.49 -1.11
C ASP F 79 -30.50 15.41 -2.01
N VAL F 80 -29.79 14.29 -2.18
CA VAL F 80 -30.21 13.16 -3.05
C VAL F 80 -31.57 12.66 -2.57
N GLU F 81 -31.73 12.49 -1.25
CA GLU F 81 -33.00 12.04 -0.61
C GLU F 81 -34.15 12.99 -0.98
N ALA F 82 -33.99 14.29 -0.66
CA ALA F 82 -34.98 15.34 -0.94
C ALA F 82 -35.33 15.31 -2.43
N PHE F 83 -34.33 15.18 -3.30
CA PHE F 83 -34.54 15.04 -4.77
C PHE F 83 -35.37 13.78 -5.07
N ASP F 84 -34.90 12.59 -4.68
CA ASP F 84 -35.51 11.26 -4.97
C ASP F 84 -36.96 11.24 -4.47
N ALA F 85 -37.22 11.84 -3.30
CA ALA F 85 -38.54 11.90 -2.62
C ALA F 85 -39.51 12.76 -3.45
N VAL F 86 -38.96 13.70 -4.23
CA VAL F 86 -39.71 14.60 -5.16
C VAL F 86 -40.11 13.82 -6.42
N MET F 87 -39.18 13.04 -6.98
CA MET F 87 -39.47 12.07 -8.10
C MET F 87 -40.56 11.09 -7.65
N GLY F 88 -40.60 10.75 -6.35
CA GLY F 88 -41.58 9.87 -5.69
C GLY F 88 -43.03 10.15 -6.05
N ALA F 89 -43.40 11.40 -6.35
CA ALA F 89 -44.76 11.81 -6.77
C ALA F 89 -44.69 13.04 -7.68
N ARG F 103 -52.55 12.32 -4.52
CA ARG F 103 -51.13 12.29 -5.01
C ARG F 103 -50.57 13.72 -5.05
N ALA F 104 -51.37 14.68 -5.51
CA ALA F 104 -51.08 16.14 -5.50
C ALA F 104 -50.50 16.54 -4.14
N ALA F 105 -51.12 16.07 -3.05
CA ALA F 105 -50.65 16.25 -1.65
C ALA F 105 -49.13 16.09 -1.58
N LYS F 106 -48.62 14.92 -2.00
CA LYS F 106 -47.24 14.41 -1.71
C LYS F 106 -46.20 15.23 -2.48
N ILE F 107 -46.44 15.51 -3.76
CA ILE F 107 -45.48 16.28 -4.62
C ILE F 107 -45.30 17.66 -3.97
N GLN F 108 -46.35 18.19 -3.36
CA GLN F 108 -46.34 19.50 -2.66
C GLN F 108 -45.70 19.32 -1.27
N GLU F 109 -45.99 18.21 -0.58
CA GLU F 109 -45.41 17.86 0.75
C GLU F 109 -43.89 17.61 0.64
N ALA F 110 -43.42 17.12 -0.52
CA ALA F 110 -41.99 16.80 -0.80
C ALA F 110 -41.26 18.06 -1.29
N LEU F 111 -41.99 19.00 -1.91
CA LEU F 111 -41.43 20.28 -2.44
C LEU F 111 -41.23 21.26 -1.27
N LYS F 112 -42.13 21.23 -0.28
CA LYS F 112 -42.01 21.94 1.03
C LYS F 112 -41.18 21.08 1.99
N THR F 113 -40.24 20.32 1.41
CA THR F 113 -38.96 19.89 2.01
C THR F 113 -37.84 20.21 0.99
N ALA F 114 -38.04 19.91 -0.30
CA ALA F 114 -37.07 20.16 -1.40
C ALA F 114 -36.88 21.67 -1.60
N THR F 115 -37.58 22.50 -0.84
CA THR F 115 -37.33 23.96 -0.69
C THR F 115 -36.45 24.16 0.56
N ASP F 116 -36.86 23.55 1.67
CA ASP F 116 -36.31 23.79 3.03
C ASP F 116 -34.92 23.17 3.16
N VAL F 117 -34.68 21.98 2.58
CA VAL F 117 -33.36 21.26 2.66
C VAL F 117 -32.29 22.12 1.99
N PRO F 118 -32.41 22.48 0.68
CA PRO F 118 -31.60 23.52 0.06
C PRO F 118 -31.43 24.79 0.92
N LEU F 119 -32.51 25.34 1.44
CA LEU F 119 -32.51 26.63 2.19
C LEU F 119 -31.75 26.43 3.51
N ALA F 120 -31.73 25.21 4.04
CA ALA F 120 -30.92 24.83 5.22
C ALA F 120 -29.44 25.01 4.87
N CYS F 121 -29.01 24.43 3.74
CA CYS F 121 -27.65 24.60 3.18
C CYS F 121 -27.35 26.11 3.11
N CYS F 122 -28.28 26.90 2.58
CA CYS F 122 -28.18 28.38 2.47
C CYS F 122 -27.83 29.00 3.83
N ARG F 123 -28.54 28.61 4.89
CA ARG F 123 -28.33 29.10 6.29
C ARG F 123 -26.93 28.73 6.78
N VAL F 124 -26.53 27.46 6.63
CA VAL F 124 -25.24 26.96 7.21
C VAL F 124 -24.11 27.70 6.50
N CYS F 125 -24.03 27.63 5.17
CA CYS F 125 -23.02 28.36 4.36
C CYS F 125 -22.93 29.81 4.85
N ARG F 126 -24.06 30.50 5.00
CA ARG F 126 -24.13 31.92 5.45
C ARG F 126 -23.42 32.08 6.81
N GLU F 127 -23.63 31.15 7.74
CA GLU F 127 -23.02 31.17 9.10
C GLU F 127 -21.50 30.91 8.98
N VAL F 128 -21.06 30.22 7.93
CA VAL F 128 -19.60 30.02 7.65
C VAL F 128 -19.07 31.36 7.13
N ILE F 129 -19.83 32.03 6.25
CA ILE F 129 -19.45 33.37 5.68
C ILE F 129 -19.27 34.37 6.83
N ASP F 130 -19.91 34.15 7.98
CA ASP F 130 -19.78 34.99 9.21
C ASP F 130 -18.57 34.51 10.01
N LEU F 131 -18.45 33.19 10.24
CA LEU F 131 -17.27 32.55 10.89
C LEU F 131 -15.99 32.86 10.11
N ALA F 132 -16.11 33.16 8.81
CA ALA F 132 -15.00 33.58 7.91
C ALA F 132 -14.46 34.95 8.30
N GLU F 133 -15.32 35.97 8.49
CA GLU F 133 -14.92 37.34 8.89
C GLU F 133 -14.04 37.27 10.15
N ILE F 134 -14.37 36.38 11.07
CA ILE F 134 -13.66 36.28 12.39
C ILE F 134 -12.21 35.79 12.14
N VAL F 135 -12.01 34.75 11.32
CA VAL F 135 -10.67 34.09 11.11
C VAL F 135 -9.79 34.97 10.21
N ALA F 136 -10.37 35.84 9.39
CA ALA F 136 -9.65 36.85 8.57
C ALA F 136 -9.39 38.12 9.40
N GLU F 137 -9.73 38.14 10.70
CA GLU F 137 -9.29 39.18 11.68
C GLU F 137 -8.09 38.64 12.46
N LYS F 138 -6.91 39.21 12.17
CA LYS F 138 -5.55 38.86 12.70
C LYS F 138 -5.45 37.38 13.11
N GLY F 139 -6.09 36.47 12.37
CA GLY F 139 -5.76 35.03 12.41
C GLY F 139 -4.34 34.85 11.91
N ASN F 140 -3.65 33.77 12.31
CA ASN F 140 -2.23 33.54 11.93
C ASN F 140 -2.07 33.93 10.45
N LEU F 141 -1.13 34.84 10.14
CA LEU F 141 -1.01 35.48 8.81
C LEU F 141 -0.37 34.56 7.76
N ASN F 142 0.32 33.49 8.20
CA ASN F 142 0.97 32.48 7.32
C ASN F 142 -0.10 31.56 6.69
N VAL F 143 -1.34 31.63 7.18
CA VAL F 143 -2.44 30.74 6.72
C VAL F 143 -3.69 31.60 6.45
N ILE F 144 -3.52 32.91 6.32
CA ILE F 144 -4.64 33.89 6.16
C ILE F 144 -5.36 33.60 4.83
N SER F 145 -4.61 33.25 3.79
CA SER F 145 -5.12 32.85 2.45
C SER F 145 -6.26 31.83 2.57
N ASP F 146 -6.17 30.89 3.51
CA ASP F 146 -7.16 29.80 3.71
C ASP F 146 -8.49 30.39 4.23
N ALA F 147 -8.46 31.55 4.89
CA ALA F 147 -9.66 32.34 5.25
C ALA F 147 -10.32 32.83 3.96
N GLY F 148 -9.52 33.42 3.07
CA GLY F 148 -9.96 33.92 1.75
C GLY F 148 -10.56 32.81 0.91
N VAL F 149 -9.94 31.61 0.95
CA VAL F 149 -10.46 30.39 0.24
C VAL F 149 -11.80 30.00 0.89
N ALA F 150 -11.97 30.17 2.19
CA ALA F 150 -13.20 29.76 2.93
C ALA F 150 -14.42 30.54 2.43
N VAL F 151 -14.51 31.82 2.77
CA VAL F 151 -15.63 32.72 2.37
C VAL F 151 -16.07 32.39 0.93
N LEU F 152 -15.15 32.05 0.04
CA LEU F 152 -15.43 31.87 -1.41
C LEU F 152 -16.17 30.55 -1.62
N SER F 153 -15.56 29.45 -1.14
CA SER F 153 -16.18 28.10 -1.02
C SER F 153 -17.58 28.25 -0.47
N ALA F 154 -17.65 28.82 0.74
CA ALA F 154 -18.86 29.11 1.55
C ALA F 154 -19.88 29.93 0.75
N TYR F 155 -19.41 30.89 -0.03
CA TYR F 155 -20.28 31.81 -0.82
C TYR F 155 -20.77 31.06 -2.06
N ALA F 156 -19.87 30.33 -2.74
CA ALA F 156 -20.22 29.41 -3.85
C ALA F 156 -21.34 28.49 -3.36
N GLY F 157 -21.19 27.99 -2.11
CA GLY F 157 -22.16 27.14 -1.41
C GLY F 157 -23.53 27.80 -1.31
N LEU F 158 -23.61 28.96 -0.65
CA LEU F 158 -24.87 29.71 -0.42
C LEU F 158 -25.62 29.90 -1.74
N ARG F 159 -24.96 30.49 -2.73
CA ARG F 159 -25.59 30.93 -4.00
C ARG F 159 -25.92 29.74 -4.90
N SER F 160 -25.29 28.58 -4.68
CA SER F 160 -25.62 27.34 -5.42
C SER F 160 -26.91 26.73 -4.85
N ALA F 161 -27.03 26.64 -3.52
CA ALA F 161 -28.23 26.09 -2.84
C ALA F 161 -29.39 27.09 -2.98
N ALA F 162 -29.05 28.38 -3.14
CA ALA F 162 -29.98 29.50 -3.41
C ALA F 162 -30.80 29.20 -4.68
N LEU F 163 -30.14 28.61 -5.69
CA LEU F 163 -30.77 28.24 -6.98
C LEU F 163 -31.70 27.05 -6.80
N ASN F 164 -31.32 26.09 -5.95
CA ASN F 164 -32.12 24.86 -5.73
C ASN F 164 -33.28 25.14 -4.77
N VAL F 165 -33.21 26.24 -3.99
CA VAL F 165 -34.40 26.83 -3.30
C VAL F 165 -35.33 27.43 -4.38
N TYR F 166 -34.82 28.37 -5.18
CA TYR F 166 -35.56 29.04 -6.27
C TYR F 166 -36.28 28.00 -7.13
N VAL F 167 -35.56 26.98 -7.62
CA VAL F 167 -36.07 25.93 -8.55
C VAL F 167 -37.31 25.23 -7.97
N ASN F 168 -37.29 24.95 -6.67
CA ASN F 168 -38.28 24.06 -6.01
C ASN F 168 -39.33 24.91 -5.28
N ALA F 169 -39.18 26.24 -5.28
CA ALA F 169 -40.15 27.21 -4.70
C ALA F 169 -41.02 27.82 -5.80
N LYS F 170 -40.66 27.57 -7.07
CA LYS F 170 -41.47 27.90 -8.27
C LYS F 170 -42.77 27.10 -8.20
N GLY F 171 -42.71 25.77 -8.05
CA GLY F 171 -43.87 24.87 -8.09
C GLY F 171 -44.54 24.67 -6.73
N LEU F 172 -44.68 25.74 -5.93
CA LEU F 172 -45.36 25.68 -4.60
C LEU F 172 -46.75 26.34 -4.65
N ASP F 173 -47.71 25.75 -3.94
CA ASP F 173 -49.11 26.21 -3.80
C ASP F 173 -49.23 27.04 -2.51
N ASP F 174 -48.99 26.44 -1.33
CA ASP F 174 -48.96 27.22 -0.06
C ASP F 174 -47.91 28.34 -0.23
N ARG F 175 -48.41 29.57 -0.36
CA ARG F 175 -47.64 30.80 -0.65
C ARG F 175 -47.57 31.69 0.60
N ALA F 176 -48.05 31.23 1.77
CA ALA F 176 -47.80 31.83 3.10
C ALA F 176 -46.52 31.22 3.68
N PHE F 177 -46.27 29.95 3.34
CA PHE F 177 -45.01 29.20 3.53
C PHE F 177 -43.91 29.84 2.67
N ALA F 178 -44.07 29.72 1.34
CA ALA F 178 -43.03 29.94 0.31
C ALA F 178 -42.45 31.35 0.40
N GLU F 179 -43.28 32.38 0.56
CA GLU F 179 -42.84 33.80 0.45
C GLU F 179 -41.98 34.15 1.68
N GLU F 180 -42.13 33.40 2.79
CA GLU F 180 -41.34 33.59 4.06
C GLU F 180 -40.01 32.84 3.93
N ARG F 181 -39.96 31.74 3.16
CA ARG F 181 -38.71 31.02 2.80
C ARG F 181 -37.88 31.90 1.84
N LEU F 182 -38.55 32.40 0.79
CA LEU F 182 -37.99 33.36 -0.20
C LEU F 182 -37.52 34.63 0.51
N LYS F 183 -38.32 35.12 1.46
CA LYS F 183 -38.01 36.32 2.30
C LYS F 183 -36.87 35.98 3.26
N GLU F 184 -36.80 34.74 3.76
CA GLU F 184 -35.69 34.30 4.68
C GLU F 184 -34.40 34.20 3.87
N LEU F 185 -34.46 33.60 2.65
CA LEU F 185 -33.33 33.48 1.69
C LEU F 185 -32.80 34.86 1.30
N GLU F 186 -33.68 35.81 0.95
CA GLU F 186 -33.33 37.23 0.66
C GLU F 186 -32.37 37.76 1.73
N GLY F 187 -32.67 37.54 3.01
CA GLY F 187 -31.87 38.04 4.15
C GLY F 187 -30.52 37.37 4.22
N LEU F 188 -30.48 36.07 3.91
CA LEU F 188 -29.24 35.26 3.83
C LEU F 188 -28.40 35.76 2.65
N LEU F 189 -29.04 36.16 1.55
CA LEU F 189 -28.35 36.66 0.32
C LEU F 189 -27.99 38.15 0.48
N ALA F 190 -28.73 38.91 1.29
CA ALA F 190 -28.79 40.39 1.25
C ALA F 190 -27.39 41.01 1.16
N GLU F 191 -26.53 40.75 2.14
CA GLU F 191 -25.20 41.44 2.26
C GLU F 191 -24.05 40.44 2.04
N ALA F 192 -24.36 39.17 1.80
CA ALA F 192 -23.37 38.09 1.55
C ALA F 192 -22.44 38.51 0.41
N GLY F 193 -22.99 39.10 -0.66
CA GLY F 193 -22.30 39.50 -1.90
C GLY F 193 -21.17 40.48 -1.67
N ALA F 194 -21.39 41.52 -0.85
CA ALA F 194 -20.39 42.54 -0.43
C ALA F 194 -19.54 42.00 0.74
N LEU F 195 -20.19 41.29 1.68
CA LEU F 195 -19.55 40.56 2.81
C LEU F 195 -18.55 39.53 2.25
N ASN F 196 -18.89 38.87 1.15
CA ASN F 196 -17.95 37.99 0.40
C ASN F 196 -16.80 38.85 -0.14
N GLU F 197 -17.14 40.00 -0.72
CA GLU F 197 -16.19 40.88 -1.45
C GLU F 197 -15.19 41.49 -0.43
N ARG F 198 -15.68 42.10 0.65
CA ARG F 198 -14.80 42.82 1.62
C ARG F 198 -13.79 41.86 2.29
N ILE F 199 -14.25 40.67 2.70
CA ILE F 199 -13.43 39.64 3.40
C ILE F 199 -12.28 39.21 2.48
N TYR F 200 -12.60 38.78 1.25
CA TYR F 200 -11.63 38.32 0.22
C TYR F 200 -10.49 39.33 0.07
N GLU F 201 -10.82 40.63 0.15
CA GLU F 201 -9.89 41.77 -0.10
C GLU F 201 -8.99 42.02 1.11
N THR F 202 -9.50 41.81 2.32
CA THR F 202 -8.73 41.89 3.59
C THR F 202 -7.61 40.85 3.56
N VAL F 203 -7.97 39.58 3.30
CA VAL F 203 -7.02 38.43 3.19
C VAL F 203 -5.99 38.77 2.10
N LYS F 204 -6.45 39.26 0.94
CA LYS F 204 -5.61 39.63 -0.24
C LYS F 204 -4.73 40.85 0.08
N SER F 205 -5.11 41.68 1.07
CA SER F 205 -4.29 42.83 1.54
C SER F 205 -3.07 42.33 2.31
N LYS F 206 -3.29 41.42 3.28
CA LYS F 206 -2.24 40.81 4.15
C LYS F 206 -1.41 39.82 3.34
N VAL F 207 -2.00 39.26 2.28
CA VAL F 207 -1.25 38.55 1.20
C VAL F 207 -0.32 39.59 0.55
N ASN F 208 -0.88 40.50 -0.27
CA ASN F 208 -0.16 41.59 -1.00
C ASN F 208 0.03 42.81 -0.10
#